data_9GWT
#
_entry.id   9GWT
#
_cell.length_a   98.654
_cell.length_b   98.654
_cell.length_c   279.550
_cell.angle_alpha   90.000
_cell.angle_beta   90.000
_cell.angle_gamma   90.000
#
_symmetry.space_group_name_H-M   'P 41 21 2'
#
loop_
_entity.id
_entity.type
_entity.pdbx_description
1 polymer '23ME-00610 Fab (heavy)'
2 polymer '23ME-00610 Fab (light)'
3 polymer 'Isoform 1 of Cell surface glycoprotein CD200 receptor 1'
4 branched 2-acetamido-2-deoxy-beta-D-glucopyranose-(1-4)-2-acetamido-2-deoxy-beta-D-glucopyranose
5 branched beta-D-mannopyranose-(1-4)-2-acetamido-2-deoxy-beta-D-glucopyranose-(1-4)-2-acetamido-2-deoxy-beta-D-glucopyranose
6 branched alpha-D-mannopyranose-(1-3)-[alpha-D-mannopyranose-(1-6)]alpha-D-mannopyranose-(1-6)-[alpha-D-mannopyranose-(1-3)]beta-D-mannopyranose-(1-4)-2-acetamido-2-deoxy-beta-D-glucopyranose-(1-4)-2-acetamido-2-deoxy-beta-D-glucopyranose
7 branched alpha-D-mannopyranose-(1-6)-beta-D-mannopyranose-(1-4)-2-acetamido-2-deoxy-beta-D-glucopyranose-(1-4)-2-acetamido-2-deoxy-beta-D-glucopyranose
8 non-polymer GLYCEROL
9 water water
#
loop_
_entity_poly.entity_id
_entity_poly.type
_entity_poly.pdbx_seq_one_letter_code
_entity_poly.pdbx_strand_id
1 'polypeptide(L)'
;EVQLQESGPGLVKPSETLSLTCTVSGFSLTNYAVSWVRQPPGKGLEWLGVMWAGGGTNYNSVFKSRLTISKDNSKNQVSL
KLSSVTAADTAVYYCARERPLTGVMDYWGQGTLVTVSSASTKGPSVFPLAPSSKSTSGGTAALGCLVKDYFPEPVTVSWN
SGALTSGVHTFPAVLQSSGLYSLSSVVTVPSSSLGTQTYICNVNHKPSNTKVDKKVEPKSCDKTHTHHHHHHHH
;
H
2 'polypeptide(L)'
;DIVLTQSPDSLAVSLGERATINCRASESVDYSGNSFMHWFQQKPGQPPKLLIYRASNLESGIPDRFSGSGSRTDFTLTIS
SLQAEDVAVYYCHQSNEDPPTFGGGTKVEIKRTVAAPSVFIFPPSDEQLKSGTASVVCLLNNFYPREAKVQWKVDNALQS
GNSQESVTEQDSKDSTYSLSSTLTLSKADYEKHKVYACEVTHQGLSSPVTKSFNRGEC
;
L
3 'polypeptide(L)'
;MGWSCIILFLVATATGVHSMDEKQITQNYSKVLAEVNTSWPVKMATNAVLCCPPIALRNLIIITWEIILRGQPSCTKAYK
KETNETKETNCTDERITWVSRPDQNSDLQIRTVAITHDGYYRCIMVTPDGNFHRGYHLQVLVTPEVTLFQNRNRTAVCKA
VAGKPAAHISWIPEGDCATKQEYWSNGTVTVKSTCHWEVHNVSTVTCHVSHLTGNKSLYIELLPVPGAKKSAKLGGGSGL
NDIFEAQKIEWHEGGSGSGTHHHHHHHH
;
P
#
# COMPACT_ATOMS: atom_id res chain seq x y z
N GLU A 1 -5.91 -16.18 2.80
CA GLU A 1 -5.38 -14.81 2.53
C GLU A 1 -6.45 -13.79 2.86
N VAL A 2 -6.00 -12.55 3.13
CA VAL A 2 -6.88 -11.44 3.45
C VAL A 2 -7.49 -10.93 2.14
N GLN A 3 -8.83 -10.84 2.10
CA GLN A 3 -9.54 -10.35 0.92
C GLN A 3 -10.69 -9.43 1.36
N LEU A 4 -11.00 -8.46 0.49
CA LEU A 4 -12.14 -7.56 0.65
C LEU A 4 -12.84 -7.42 -0.72
N GLN A 5 -14.16 -7.21 -0.70
CA GLN A 5 -14.94 -7.16 -1.92
C GLN A 5 -16.17 -6.27 -1.72
N GLU A 6 -16.30 -5.26 -2.59
CA GLU A 6 -17.40 -4.31 -2.53
C GLU A 6 -18.53 -4.79 -3.46
N SER A 7 -19.76 -4.78 -2.93
CA SER A 7 -20.96 -4.96 -3.72
C SER A 7 -21.64 -3.60 -3.84
N GLY A 8 -22.43 -3.40 -4.91
CA GLY A 8 -23.11 -2.13 -5.10
C GLY A 8 -23.90 -2.08 -6.41
N PRO A 9 -24.83 -1.12 -6.55
CA PRO A 9 -25.74 -1.07 -7.70
C PRO A 9 -25.06 -0.69 -9.02
N GLY A 10 -24.11 0.25 -8.98
CA GLY A 10 -23.41 0.71 -10.17
C GLY A 10 -24.01 1.98 -10.76
N LEU A 11 -25.35 2.03 -10.83
CA LEU A 11 -26.09 3.23 -11.19
C LEU A 11 -27.00 3.64 -10.03
N VAL A 12 -27.08 4.96 -9.77
CA VAL A 12 -27.92 5.52 -8.73
C VAL A 12 -28.51 6.83 -9.25
N LYS A 13 -29.80 7.06 -9.00
CA LYS A 13 -30.46 8.28 -9.45
C LYS A 13 -30.11 9.42 -8.49
N PRO A 14 -29.96 10.69 -8.95
CA PRO A 14 -29.67 11.81 -8.05
C PRO A 14 -30.69 11.99 -6.93
N SER A 15 -30.20 12.43 -5.76
CA SER A 15 -30.98 12.67 -4.55
C SER A 15 -31.54 11.37 -3.96
N GLU A 16 -30.92 10.22 -4.26
CA GLU A 16 -31.24 8.94 -3.64
C GLU A 16 -30.03 8.48 -2.83
N THR A 17 -30.22 7.38 -2.08
CA THR A 17 -29.17 6.85 -1.20
C THR A 17 -28.35 5.81 -1.96
N LEU A 18 -27.02 5.92 -1.87
CA LEU A 18 -26.08 4.95 -2.39
C LEU A 18 -25.76 3.94 -1.30
N SER A 19 -26.05 2.66 -1.54
CA SER A 19 -25.77 1.58 -0.59
C SER A 19 -24.69 0.66 -1.15
N LEU A 20 -23.63 0.43 -0.36
CA LEU A 20 -22.55 -0.49 -0.69
C LEU A 20 -22.35 -1.46 0.48
N THR A 21 -21.69 -2.59 0.23
CA THR A 21 -21.36 -3.55 1.28
C THR A 21 -20.02 -4.22 1.00
N CYS A 22 -19.02 -3.92 1.85
CA CYS A 22 -17.73 -4.59 1.87
C CYS A 22 -17.88 -5.93 2.57
N THR A 23 -17.46 -7.02 1.90
CA THR A 23 -17.48 -8.36 2.47
C THR A 23 -16.04 -8.87 2.55
N VAL A 24 -15.64 -9.34 3.73
CA VAL A 24 -14.24 -9.56 4.07
C VAL A 24 -14.02 -11.03 4.45
N SER A 25 -12.83 -11.54 4.11
CA SER A 25 -12.39 -12.88 4.50
C SER A 25 -10.90 -12.85 4.83
N GLY A 26 -10.47 -13.77 5.70
CA GLY A 26 -9.09 -13.85 6.15
C GLY A 26 -8.87 -13.20 7.52
N PHE A 27 -9.85 -12.46 8.03
CA PHE A 27 -9.74 -11.78 9.31
C PHE A 27 -11.12 -11.47 9.88
N SER A 28 -11.19 -11.26 11.20
CA SER A 28 -12.42 -10.91 11.89
C SER A 28 -12.51 -9.39 12.01
N LEU A 29 -13.75 -8.87 11.96
CA LEU A 29 -14.01 -7.44 12.10
C LEU A 29 -13.95 -7.00 13.57
N THR A 30 -13.93 -7.95 14.51
CA THR A 30 -13.75 -7.65 15.92
C THR A 30 -12.34 -7.12 16.21
N ASN A 31 -11.34 -7.55 15.41
CA ASN A 31 -9.94 -7.21 15.64
C ASN A 31 -9.50 -6.02 14.79
N TYR A 32 -9.96 -5.96 13.53
CA TYR A 32 -9.46 -5.00 12.55
C TYR A 32 -10.53 -3.96 12.24
N ALA A 33 -10.08 -2.71 12.06
CA ALA A 33 -10.93 -1.64 11.55
C ALA A 33 -10.94 -1.68 10.03
N VAL A 34 -11.99 -1.10 9.43
CA VAL A 34 -12.17 -1.04 7.99
C VAL A 34 -12.59 0.38 7.61
N SER A 35 -12.01 0.90 6.52
CA SER A 35 -12.30 2.24 6.04
C SER A 35 -12.88 2.20 4.64
N TRP A 36 -13.53 3.29 4.25
CA TRP A 36 -13.97 3.51 2.88
C TRP A 36 -13.22 4.71 2.30
N VAL A 37 -12.65 4.51 1.10
CA VAL A 37 -12.04 5.56 0.31
C VAL A 37 -12.78 5.59 -1.01
N ARG A 38 -12.88 6.77 -1.63
CA ARG A 38 -13.39 6.87 -3.00
C ARG A 38 -12.37 7.57 -3.88
N GLN A 39 -12.60 7.45 -5.19
CA GLN A 39 -11.72 8.01 -6.20
C GLN A 39 -12.56 8.42 -7.41
N PRO A 40 -12.98 9.71 -7.51
CA PRO A 40 -13.70 10.20 -8.69
C PRO A 40 -12.85 10.04 -9.95
N PRO A 41 -13.45 9.78 -11.13
CA PRO A 41 -12.67 9.46 -12.34
C PRO A 41 -11.53 10.45 -12.59
N GLY A 42 -10.30 9.92 -12.67
CA GLY A 42 -9.11 10.70 -12.97
C GLY A 42 -8.80 11.75 -11.90
N LYS A 43 -9.08 11.41 -10.63
CA LYS A 43 -8.81 12.29 -9.49
C LYS A 43 -8.24 11.44 -8.35
N GLY A 44 -7.76 12.13 -7.30
CA GLY A 44 -7.05 11.48 -6.21
C GLY A 44 -7.99 10.76 -5.22
N LEU A 45 -7.40 10.25 -4.14
CA LEU A 45 -8.10 9.45 -3.16
C LEU A 45 -8.65 10.34 -2.05
N GLU A 46 -9.86 10.01 -1.56
CA GLU A 46 -10.55 10.77 -0.54
C GLU A 46 -11.13 9.80 0.49
N TRP A 47 -10.74 9.94 1.76
CA TRP A 47 -11.24 9.12 2.84
C TRP A 47 -12.67 9.55 3.21
N LEU A 48 -13.55 8.57 3.43
CA LEU A 48 -14.96 8.83 3.73
C LEU A 48 -15.23 8.64 5.22
N GLY A 49 -14.88 7.45 5.74
CA GLY A 49 -15.10 7.12 7.14
C GLY A 49 -14.48 5.76 7.50
N VAL A 50 -14.40 5.49 8.82
CA VAL A 50 -13.85 4.25 9.34
C VAL A 50 -14.90 3.60 10.24
N MET A 51 -14.96 2.26 10.18
CA MET A 51 -15.69 1.46 11.16
C MET A 51 -14.66 0.75 12.05
N TRP A 52 -14.39 1.36 13.21
CA TRP A 52 -13.43 0.85 14.18
C TRP A 52 -13.81 -0.57 14.58
N ALA A 53 -12.80 -1.34 15.03
CA ALA A 53 -13.00 -2.72 15.44
C ALA A 53 -13.96 -2.80 16.63
N GLY A 54 -13.86 -1.82 17.54
CA GLY A 54 -14.69 -1.76 18.73
C GLY A 54 -16.18 -1.55 18.44
N GLY A 55 -16.50 -0.90 17.31
CA GLY A 55 -17.88 -0.70 16.89
C GLY A 55 -18.19 0.76 16.56
N GLY A 56 -17.41 1.69 17.14
CA GLY A 56 -17.57 3.12 16.88
C GLY A 56 -17.14 3.50 15.46
N THR A 57 -17.34 4.78 15.10
CA THR A 57 -17.03 5.27 13.77
C THR A 57 -16.54 6.71 13.81
N ASN A 58 -15.76 7.08 12.79
CA ASN A 58 -15.48 8.47 12.45
C ASN A 58 -15.86 8.68 10.99
N TYR A 59 -16.25 9.92 10.66
CA TYR A 59 -16.65 10.32 9.32
C TYR A 59 -15.89 11.59 8.92
N ASN A 60 -15.45 11.63 7.67
CA ASN A 60 -14.94 12.86 7.08
C ASN A 60 -16.02 13.92 7.21
N SER A 61 -15.62 15.13 7.65
CA SER A 61 -16.55 16.15 8.08
C SER A 61 -17.42 16.64 6.91
N VAL A 62 -16.88 16.62 5.69
CA VAL A 62 -17.58 17.08 4.51
C VAL A 62 -18.70 16.11 4.11
N PHE A 63 -18.61 14.84 4.56
CA PHE A 63 -19.62 13.82 4.27
C PHE A 63 -20.47 13.48 5.50
N LYS A 64 -20.22 14.15 6.64
CA LYS A 64 -20.71 13.68 7.93
C LYS A 64 -22.23 13.74 8.02
N SER A 65 -22.85 14.72 7.35
CA SER A 65 -24.30 14.86 7.32
C SER A 65 -24.98 13.73 6.56
N ARG A 66 -24.36 13.27 5.46
CA ARG A 66 -25.01 12.38 4.50
C ARG A 66 -24.61 10.91 4.70
N LEU A 67 -23.45 10.66 5.31
CA LEU A 67 -22.82 9.35 5.31
C LEU A 67 -23.19 8.58 6.58
N THR A 68 -23.44 7.27 6.43
CA THR A 68 -23.59 6.35 7.55
C THR A 68 -22.84 5.05 7.25
N ILE A 69 -22.04 4.57 8.21
CA ILE A 69 -21.32 3.32 8.10
C ILE A 69 -21.73 2.42 9.27
N SER A 70 -22.00 1.15 8.97
CA SER A 70 -22.37 0.14 9.96
C SER A 70 -21.69 -1.17 9.59
N LYS A 71 -21.81 -2.19 10.46
CA LYS A 71 -21.24 -3.50 10.16
C LYS A 71 -22.00 -4.59 10.91
N ASP A 72 -21.67 -5.84 10.55
CA ASP A 72 -22.17 -7.04 11.22
C ASP A 72 -21.02 -8.04 11.30
N ASN A 73 -20.49 -8.26 12.52
CA ASN A 73 -19.29 -9.06 12.72
C ASN A 73 -19.54 -10.52 12.35
N SER A 74 -20.72 -11.04 12.66
CA SER A 74 -21.06 -12.44 12.43
C SER A 74 -21.18 -12.76 10.94
N LYS A 75 -21.47 -11.73 10.11
CA LYS A 75 -21.55 -11.88 8.66
C LYS A 75 -20.22 -11.53 7.98
N ASN A 76 -19.34 -10.80 8.68
CA ASN A 76 -18.12 -10.23 8.10
C ASN A 76 -18.50 -9.27 6.97
N GLN A 77 -19.33 -8.26 7.31
CA GLN A 77 -19.84 -7.30 6.36
C GLN A 77 -19.83 -5.90 6.97
N VAL A 78 -19.46 -4.91 6.15
CA VAL A 78 -19.51 -3.50 6.51
C VAL A 78 -20.36 -2.80 5.45
N SER A 79 -21.40 -2.09 5.90
CA SER A 79 -22.26 -1.33 5.00
C SER A 79 -21.82 0.13 4.95
N LEU A 80 -22.04 0.78 3.80
CA LEU A 80 -21.95 2.22 3.67
C LEU A 80 -23.23 2.74 3.04
N LYS A 81 -23.70 3.91 3.50
CA LYS A 81 -24.92 4.54 3.02
C LYS A 81 -24.69 6.04 2.89
N LEU A 82 -24.64 6.54 1.65
CA LEU A 82 -24.46 7.96 1.38
C LEU A 82 -25.75 8.50 0.75
N SER A 83 -26.44 9.42 1.47
CA SER A 83 -27.73 9.94 1.06
C SER A 83 -27.56 11.18 0.18
N SER A 84 -28.66 11.60 -0.46
CA SER A 84 -28.78 12.89 -1.13
C SER A 84 -27.67 13.06 -2.18
N VAL A 85 -27.48 12.05 -3.03
CA VAL A 85 -26.31 12.00 -3.89
C VAL A 85 -26.48 12.92 -5.10
N THR A 86 -25.34 13.31 -5.69
CA THR A 86 -25.27 14.11 -6.91
C THR A 86 -24.17 13.55 -7.80
N ALA A 87 -23.98 14.18 -8.97
CA ALA A 87 -22.94 13.80 -9.93
C ALA A 87 -21.53 13.83 -9.30
N ALA A 88 -21.30 14.69 -8.31
CA ALA A 88 -20.04 14.76 -7.60
C ALA A 88 -19.70 13.44 -6.90
N ASP A 89 -20.73 12.67 -6.51
CA ASP A 89 -20.54 11.41 -5.79
C ASP A 89 -20.22 10.26 -6.72
N THR A 90 -20.25 10.48 -8.05
CA THR A 90 -19.77 9.52 -9.03
C THR A 90 -18.28 9.25 -8.77
N ALA A 91 -17.95 7.99 -8.48
CA ALA A 91 -16.60 7.61 -8.08
C ALA A 91 -16.47 6.09 -7.99
N VAL A 92 -15.22 5.61 -7.92
CA VAL A 92 -14.91 4.24 -7.52
C VAL A 92 -14.85 4.21 -6.00
N TYR A 93 -15.58 3.27 -5.37
CA TYR A 93 -15.61 3.15 -3.92
C TYR A 93 -14.83 1.91 -3.50
N TYR A 94 -13.74 2.14 -2.74
CA TYR A 94 -12.93 1.08 -2.16
C TYR A 94 -13.26 0.95 -0.67
N CYS A 95 -13.25 -0.29 -0.17
CA CYS A 95 -13.07 -0.55 1.26
C CYS A 95 -11.66 -1.10 1.46
N ALA A 96 -11.07 -0.79 2.62
CA ALA A 96 -9.68 -1.10 2.90
C ALA A 96 -9.48 -1.34 4.39
N ARG A 97 -8.77 -2.43 4.73
CA ARG A 97 -8.53 -2.80 6.12
C ARG A 97 -7.42 -1.93 6.69
N GLU A 98 -7.70 -1.33 7.85
CA GLU A 98 -6.67 -0.70 8.66
C GLU A 98 -6.09 -1.71 9.63
N ARG A 99 -4.75 -1.74 9.74
CA ARG A 99 -4.12 -2.48 10.83
C ARG A 99 -4.18 -1.61 12.08
N PRO A 100 -4.26 -2.20 13.31
CA PRO A 100 -4.43 -1.40 14.53
C PRO A 100 -3.28 -0.46 14.83
N LEU A 101 -3.57 0.59 15.63
CA LEU A 101 -2.60 1.50 16.23
C LEU A 101 -2.03 2.49 15.19
N THR A 102 -1.54 1.99 14.05
CA THR A 102 -0.84 2.80 13.06
C THR A 102 -1.79 3.37 12.01
N GLY A 103 -2.89 2.66 11.74
CA GLY A 103 -3.87 3.10 10.75
C GLY A 103 -3.37 2.94 9.31
N VAL A 104 -2.43 2.01 9.09
CA VAL A 104 -1.91 1.69 7.77
C VAL A 104 -2.95 0.84 7.05
N MET A 105 -3.26 1.22 5.80
CA MET A 105 -4.25 0.52 4.99
C MET A 105 -3.52 -0.46 4.08
N ASP A 106 -3.41 -1.72 4.53
CA ASP A 106 -2.54 -2.70 3.91
C ASP A 106 -3.27 -3.46 2.79
N TYR A 107 -4.52 -3.89 3.04
CA TYR A 107 -5.29 -4.65 2.06
C TYR A 107 -6.52 -3.86 1.62
N TRP A 108 -6.79 -3.86 0.30
CA TRP A 108 -7.86 -3.12 -0.33
C TRP A 108 -8.74 -4.07 -1.12
N GLY A 109 -10.02 -3.70 -1.30
CA GLY A 109 -10.88 -4.34 -2.28
C GLY A 109 -10.55 -3.87 -3.70
N GLN A 110 -11.08 -4.58 -4.69
N GLN A 110 -11.07 -4.59 -4.71
CA GLN A 110 -10.84 -4.29 -6.10
CA GLN A 110 -10.80 -4.26 -6.10
C GLN A 110 -11.50 -2.97 -6.51
C GLN A 110 -11.50 -2.97 -6.51
N GLY A 111 -12.59 -2.61 -5.81
CA GLY A 111 -13.31 -1.36 -6.04
C GLY A 111 -14.63 -1.63 -6.76
N THR A 112 -15.49 -0.60 -6.81
CA THR A 112 -16.76 -0.68 -7.52
C THR A 112 -17.14 0.73 -7.99
N LEU A 113 -17.23 0.92 -9.31
CA LEU A 113 -17.60 2.20 -9.87
C LEU A 113 -19.10 2.41 -9.64
N VAL A 114 -19.45 3.59 -9.11
CA VAL A 114 -20.82 4.00 -8.92
C VAL A 114 -21.04 5.28 -9.72
N THR A 115 -22.02 5.26 -10.62
CA THR A 115 -22.33 6.36 -11.52
C THR A 115 -23.67 6.97 -11.12
N VAL A 116 -23.65 8.25 -10.71
CA VAL A 116 -24.86 8.97 -10.33
C VAL A 116 -25.44 9.64 -11.57
N SER A 117 -26.60 9.15 -12.03
CA SER A 117 -27.21 9.61 -13.26
C SER A 117 -28.69 9.20 -13.29
N SER A 118 -29.54 10.09 -13.82
CA SER A 118 -30.96 9.82 -13.96
C SER A 118 -31.26 8.99 -15.22
N ALA A 119 -30.28 8.88 -16.13
CA ALA A 119 -30.40 8.09 -17.35
C ALA A 119 -30.46 6.60 -17.01
N SER A 120 -31.06 5.82 -17.92
CA SER A 120 -31.32 4.40 -17.71
C SER A 120 -30.11 3.56 -18.15
N THR A 121 -30.05 2.33 -17.62
CA THR A 121 -29.04 1.36 -18.00
C THR A 121 -29.31 0.87 -19.42
N LYS A 122 -28.23 0.60 -20.16
CA LYS A 122 -28.31 -0.05 -21.46
C LYS A 122 -27.12 -1.00 -21.62
N GLY A 123 -27.39 -2.19 -22.18
CA GLY A 123 -26.36 -3.18 -22.43
C GLY A 123 -25.60 -2.89 -23.73
N PRO A 124 -24.39 -3.47 -23.91
CA PRO A 124 -23.59 -3.22 -25.11
C PRO A 124 -23.97 -4.08 -26.31
N SER A 125 -23.77 -3.53 -27.51
CA SER A 125 -23.69 -4.30 -28.74
C SER A 125 -22.22 -4.59 -29.04
N VAL A 126 -21.91 -5.86 -29.36
CA VAL A 126 -20.55 -6.26 -29.69
C VAL A 126 -20.50 -6.57 -31.18
N PHE A 127 -19.47 -6.02 -31.85
CA PHE A 127 -19.23 -6.25 -33.27
C PHE A 127 -17.78 -6.67 -33.46
N PRO A 128 -17.46 -7.51 -34.47
CA PRO A 128 -16.08 -7.94 -34.71
C PRO A 128 -15.25 -6.88 -35.43
N LEU A 129 -13.93 -6.87 -35.12
CA LEU A 129 -12.93 -6.21 -35.94
C LEU A 129 -12.11 -7.31 -36.60
N ALA A 130 -12.59 -7.77 -37.76
CA ALA A 130 -12.08 -8.98 -38.39
C ALA A 130 -10.70 -8.71 -38.98
N PRO A 131 -9.75 -9.68 -38.90
CA PRO A 131 -8.41 -9.48 -39.44
C PRO A 131 -8.40 -9.43 -40.97
N SER A 132 -7.66 -8.46 -41.52
CA SER A 132 -7.61 -8.23 -42.95
C SER A 132 -6.63 -9.19 -43.63
N SER A 133 -6.67 -9.24 -44.96
CA SER A 133 -5.80 -10.09 -45.77
C SER A 133 -5.46 -9.39 -47.09
N GLY A 138 1.71 -12.27 -44.48
CA GLY A 138 1.14 -11.41 -43.42
C GLY A 138 2.18 -11.05 -42.37
N GLY A 139 2.64 -12.07 -41.62
CA GLY A 139 3.59 -11.89 -40.53
C GLY A 139 2.89 -11.74 -39.18
N THR A 140 2.28 -10.56 -38.98
CA THR A 140 1.47 -10.25 -37.81
C THR A 140 0.09 -9.77 -38.27
N ALA A 141 -0.95 -10.19 -37.53
CA ALA A 141 -2.32 -9.82 -37.83
C ALA A 141 -3.00 -9.32 -36.55
N ALA A 142 -3.83 -8.29 -36.70
CA ALA A 142 -4.58 -7.72 -35.58
C ALA A 142 -6.07 -8.00 -35.77
N LEU A 143 -6.77 -8.21 -34.65
CA LEU A 143 -8.21 -8.44 -34.64
C LEU A 143 -8.75 -7.96 -33.28
N GLY A 144 -10.07 -7.80 -33.18
CA GLY A 144 -10.64 -7.20 -31.98
C GLY A 144 -12.17 -7.24 -31.91
N CYS A 145 -12.70 -6.56 -30.88
CA CYS A 145 -14.13 -6.42 -30.64
C CYS A 145 -14.47 -4.96 -30.37
N LEU A 146 -15.53 -4.47 -31.04
CA LEU A 146 -16.07 -3.15 -30.77
C LEU A 146 -17.28 -3.31 -29.84
N VAL A 147 -17.18 -2.75 -28.63
CA VAL A 147 -18.23 -2.81 -27.62
C VAL A 147 -18.91 -1.44 -27.57
N LYS A 148 -20.13 -1.35 -28.13
CA LYS A 148 -20.69 -0.07 -28.54
C LYS A 148 -22.05 0.16 -27.87
N ASP A 149 -22.27 1.42 -27.45
CA ASP A 149 -23.57 1.93 -27.02
C ASP A 149 -24.04 1.22 -25.75
N TYR A 150 -23.35 1.50 -24.63
CA TYR A 150 -23.71 0.97 -23.33
C TYR A 150 -23.66 2.09 -22.29
N PHE A 151 -24.33 1.85 -21.16
CA PHE A 151 -24.33 2.79 -20.04
C PHE A 151 -24.79 2.07 -18.77
N PRO A 152 -24.24 2.35 -17.56
CA PRO A 152 -23.01 3.14 -17.39
C PRO A 152 -21.75 2.29 -17.57
N GLU A 153 -20.58 2.89 -17.28
CA GLU A 153 -19.35 2.13 -17.12
C GLU A 153 -19.45 1.25 -15.88
N PRO A 154 -18.63 0.19 -15.70
CA PRO A 154 -17.62 -0.24 -16.68
C PRO A 154 -18.00 -1.45 -17.52
N VAL A 155 -17.12 -1.79 -18.46
CA VAL A 155 -17.15 -3.04 -19.21
C VAL A 155 -15.81 -3.74 -19.00
N THR A 156 -15.84 -5.08 -18.91
CA THR A 156 -14.63 -5.88 -18.90
C THR A 156 -14.59 -6.78 -20.13
N VAL A 157 -13.39 -6.89 -20.72
CA VAL A 157 -13.18 -7.71 -21.92
C VAL A 157 -12.01 -8.66 -21.65
N SER A 158 -12.22 -9.95 -21.96
CA SER A 158 -11.16 -10.94 -21.96
C SER A 158 -11.20 -11.70 -23.28
N TRP A 159 -10.15 -12.49 -23.53
CA TRP A 159 -10.00 -13.22 -24.78
C TRP A 159 -9.75 -14.69 -24.47
N ASN A 160 -10.57 -15.57 -25.07
CA ASN A 160 -10.52 -17.01 -24.86
C ASN A 160 -10.68 -17.33 -23.37
N SER A 161 -11.56 -16.58 -22.69
CA SER A 161 -11.84 -16.74 -21.27
C SER A 161 -10.58 -16.56 -20.42
N GLY A 162 -9.74 -15.59 -20.79
CA GLY A 162 -8.54 -15.24 -20.05
C GLY A 162 -7.30 -16.05 -20.45
N ALA A 163 -7.44 -17.00 -21.39
CA ALA A 163 -6.34 -17.84 -21.84
C ALA A 163 -5.36 -17.03 -22.68
N LEU A 164 -5.89 -16.06 -23.44
CA LEU A 164 -5.09 -15.14 -24.25
C LEU A 164 -5.03 -13.78 -23.54
N THR A 165 -3.81 -13.35 -23.19
CA THR A 165 -3.60 -12.12 -22.43
C THR A 165 -2.54 -11.24 -23.08
N SER A 166 -1.37 -11.81 -23.45
CA SER A 166 -0.30 -11.01 -24.04
C SER A 166 -0.69 -10.62 -25.47
N GLY A 167 -0.34 -9.38 -25.84
CA GLY A 167 -0.75 -8.79 -27.11
C GLY A 167 -2.02 -7.95 -27.00
N VAL A 168 -2.79 -8.12 -25.91
CA VAL A 168 -4.13 -7.55 -25.79
C VAL A 168 -4.03 -6.07 -25.42
N HIS A 169 -4.98 -5.28 -25.93
CA HIS A 169 -5.14 -3.88 -25.58
C HIS A 169 -6.62 -3.55 -25.53
N THR A 170 -7.19 -3.54 -24.32
CA THR A 170 -8.52 -2.98 -24.11
C THR A 170 -8.35 -1.49 -23.87
N PHE A 171 -8.96 -0.67 -24.74
CA PHE A 171 -8.83 0.78 -24.67
C PHE A 171 -9.86 1.36 -23.69
N PRO A 172 -9.59 2.53 -23.08
CA PRO A 172 -10.59 3.22 -22.26
C PRO A 172 -11.78 3.67 -23.11
N ALA A 173 -12.95 3.75 -22.47
CA ALA A 173 -14.20 4.02 -23.17
C ALA A 173 -14.28 5.51 -23.49
N VAL A 174 -15.02 5.83 -24.55
CA VAL A 174 -15.28 7.22 -24.94
C VAL A 174 -16.79 7.45 -24.90
N LEU A 175 -17.18 8.53 -24.22
CA LEU A 175 -18.57 8.94 -24.18
C LEU A 175 -18.94 9.54 -25.54
N GLN A 176 -19.92 8.91 -26.21
CA GLN A 176 -20.40 9.37 -27.50
C GLN A 176 -21.38 10.52 -27.28
N SER A 177 -21.69 11.25 -28.35
CA SER A 177 -22.64 12.37 -28.29
C SER A 177 -24.06 11.88 -28.00
N SER A 178 -24.33 10.59 -28.26
CA SER A 178 -25.56 9.94 -27.87
C SER A 178 -25.71 9.88 -26.34
N GLY A 179 -24.59 9.88 -25.61
CA GLY A 179 -24.58 9.76 -24.16
C GLY A 179 -24.24 8.35 -23.69
N LEU A 180 -24.04 7.43 -24.64
CA LEU A 180 -23.63 6.06 -24.35
C LEU A 180 -22.13 5.91 -24.57
N TYR A 181 -21.52 4.98 -23.83
CA TYR A 181 -20.10 4.71 -23.91
C TYR A 181 -19.80 3.71 -25.01
N SER A 182 -18.51 3.60 -25.35
CA SER A 182 -18.04 2.75 -26.43
C SER A 182 -16.53 2.54 -26.30
N LEU A 183 -16.08 1.28 -26.35
CA LEU A 183 -14.66 0.97 -26.32
C LEU A 183 -14.35 -0.15 -27.32
N SER A 184 -13.03 -0.35 -27.54
CA SER A 184 -12.53 -1.43 -28.37
C SER A 184 -11.50 -2.24 -27.59
N SER A 185 -11.45 -3.54 -27.89
CA SER A 185 -10.38 -4.42 -27.42
C SER A 185 -9.76 -5.10 -28.63
N VAL A 186 -8.43 -5.07 -28.72
CA VAL A 186 -7.72 -5.67 -29.84
C VAL A 186 -6.58 -6.54 -29.31
N VAL A 187 -6.12 -7.46 -30.16
CA VAL A 187 -5.02 -8.36 -29.85
C VAL A 187 -4.25 -8.62 -31.14
N THR A 188 -2.90 -8.62 -31.05
CA THR A 188 -2.04 -9.03 -32.14
C THR A 188 -1.75 -10.52 -32.00
N VAL A 189 -1.76 -11.23 -33.14
CA VAL A 189 -1.49 -12.66 -33.20
C VAL A 189 -0.67 -12.93 -34.46
N PRO A 190 -0.04 -14.13 -34.61
CA PRO A 190 0.55 -14.54 -35.88
C PRO A 190 -0.50 -14.74 -36.98
N SER A 191 -0.13 -14.38 -38.22
CA SER A 191 -0.99 -14.59 -39.39
C SER A 191 -1.22 -16.08 -39.63
N SER A 192 -0.21 -16.91 -39.31
CA SER A 192 -0.25 -18.35 -39.50
C SER A 192 -1.34 -19.02 -38.66
N SER A 193 -1.68 -18.43 -37.52
CA SER A 193 -2.64 -19.02 -36.58
C SER A 193 -4.09 -18.62 -36.90
N LEU A 194 -4.33 -17.79 -37.92
CA LEU A 194 -5.67 -17.30 -38.24
C LEU A 194 -6.59 -18.44 -38.69
N GLY A 195 -6.01 -19.48 -39.33
CA GLY A 195 -6.77 -20.65 -39.73
C GLY A 195 -7.15 -21.52 -38.54
N THR A 196 -6.13 -21.97 -37.79
CA THR A 196 -6.29 -23.03 -36.79
C THR A 196 -6.94 -22.49 -35.52
N GLN A 197 -6.32 -21.47 -34.91
CA GLN A 197 -6.68 -20.99 -33.58
C GLN A 197 -7.99 -20.21 -33.65
N THR A 198 -8.86 -20.43 -32.64
CA THR A 198 -10.12 -19.71 -32.48
C THR A 198 -9.91 -18.55 -31.52
N TYR A 199 -10.59 -17.43 -31.81
CA TYR A 199 -10.47 -16.21 -31.03
C TYR A 199 -11.86 -15.72 -30.65
N ILE A 200 -12.21 -15.89 -29.37
CA ILE A 200 -13.49 -15.45 -28.82
C ILE A 200 -13.18 -14.32 -27.83
N CYS A 201 -13.96 -13.23 -27.90
CA CYS A 201 -13.85 -12.14 -26.94
C CYS A 201 -15.05 -12.17 -26.01
N ASN A 202 -14.78 -11.96 -24.71
CA ASN A 202 -15.77 -12.16 -23.65
C ASN A 202 -16.04 -10.81 -23.01
N VAL A 203 -17.09 -10.13 -23.49
CA VAL A 203 -17.56 -8.88 -22.92
C VAL A 203 -18.46 -9.16 -21.73
N ASN A 204 -18.33 -8.33 -20.68
CA ASN A 204 -19.21 -8.39 -19.51
C ASN A 204 -19.53 -6.97 -19.05
N HIS A 205 -20.83 -6.72 -18.79
CA HIS A 205 -21.35 -5.44 -18.36
C HIS A 205 -22.26 -5.65 -17.16
N LYS A 206 -21.68 -5.51 -15.95
CA LYS A 206 -22.34 -5.89 -14.71
C LYS A 206 -23.56 -5.00 -14.44
N PRO A 207 -23.53 -3.68 -14.74
CA PRO A 207 -24.71 -2.82 -14.53
C PRO A 207 -26.01 -3.28 -15.20
N SER A 208 -25.91 -3.89 -16.40
CA SER A 208 -27.07 -4.38 -17.13
C SER A 208 -27.27 -5.89 -16.96
N ASN A 209 -26.32 -6.57 -16.30
CA ASN A 209 -26.26 -8.02 -16.21
C ASN A 209 -26.25 -8.66 -17.60
N THR A 210 -25.53 -8.02 -18.54
CA THR A 210 -25.33 -8.55 -19.89
C THR A 210 -23.95 -9.19 -19.94
N LYS A 211 -23.84 -10.27 -20.71
CA LYS A 211 -22.57 -10.95 -20.93
C LYS A 211 -22.59 -11.51 -22.35
N VAL A 212 -21.61 -11.11 -23.16
CA VAL A 212 -21.57 -11.45 -24.57
C VAL A 212 -20.24 -12.15 -24.87
N ASP A 213 -20.32 -13.31 -25.52
CA ASP A 213 -19.16 -14.01 -26.07
C ASP A 213 -19.32 -14.05 -27.59
N LYS A 214 -18.26 -13.67 -28.33
CA LYS A 214 -18.35 -13.49 -29.76
C LYS A 214 -17.06 -13.94 -30.43
N LYS A 215 -17.19 -14.87 -31.40
CA LYS A 215 -16.07 -15.40 -32.15
C LYS A 215 -15.73 -14.43 -33.28
N VAL A 216 -14.51 -13.88 -33.25
CA VAL A 216 -14.00 -13.05 -34.32
C VAL A 216 -13.37 -13.95 -35.37
N GLU A 217 -13.90 -13.89 -36.60
CA GLU A 217 -13.46 -14.73 -37.71
C GLU A 217 -13.06 -13.82 -38.86
N PRO A 218 -12.02 -14.16 -39.67
CA PRO A 218 -11.73 -13.42 -40.91
C PRO A 218 -12.93 -13.31 -41.84
N LYS A 219 -13.17 -12.10 -42.39
CA LYS A 219 -14.22 -11.88 -43.38
C LYS A 219 -13.75 -12.38 -44.74
N SER A 220 -14.69 -12.92 -45.53
CA SER A 220 -14.39 -13.51 -46.82
C SER A 220 -14.85 -12.57 -47.95
N CYS A 221 -14.65 -13.01 -49.20
CA CYS A 221 -15.26 -12.40 -50.37
C CYS A 221 -16.78 -12.57 -50.35
N ASP A 222 -17.27 -13.65 -49.70
CA ASP A 222 -18.69 -13.90 -49.53
C ASP A 222 -19.30 -12.83 -48.61
N ASP B 1 -7.34 18.63 9.30
CA ASP B 1 -7.17 18.23 7.88
C ASP B 1 -5.77 18.62 7.41
N ILE B 2 -4.84 17.65 7.48
CA ILE B 2 -3.48 17.85 7.00
C ILE B 2 -3.49 17.75 5.47
N VAL B 3 -2.76 18.66 4.81
CA VAL B 3 -2.72 18.76 3.36
C VAL B 3 -1.36 18.26 2.87
N LEU B 4 -1.34 17.07 2.26
CA LEU B 4 -0.15 16.48 1.67
C LEU B 4 0.01 17.00 0.24
N THR B 5 1.24 17.38 -0.11
CA THR B 5 1.55 18.04 -1.36
C THR B 5 2.73 17.35 -2.02
N GLN B 6 2.45 16.52 -3.03
CA GLN B 6 3.46 15.74 -3.72
C GLN B 6 4.17 16.61 -4.77
N SER B 7 5.43 16.24 -5.06
CA SER B 7 6.27 16.98 -5.97
C SER B 7 7.28 16.03 -6.60
N PRO B 8 7.36 15.87 -7.96
CA PRO B 8 6.50 16.55 -8.92
C PRO B 8 5.12 15.91 -9.03
N ASP B 9 4.27 16.50 -9.88
CA ASP B 9 2.95 15.97 -10.15
C ASP B 9 3.06 14.90 -11.24
N SER B 10 4.06 15.01 -12.12
CA SER B 10 4.51 13.88 -12.92
C SER B 10 5.97 14.04 -13.28
N LEU B 11 6.72 12.92 -13.37
CA LEU B 11 8.07 12.96 -13.90
C LEU B 11 8.30 11.86 -14.92
N ALA B 12 9.09 12.19 -15.95
CA ALA B 12 9.55 11.25 -16.95
C ALA B 12 11.05 11.00 -16.72
N VAL B 13 11.42 9.71 -16.77
CA VAL B 13 12.76 9.25 -16.41
C VAL B 13 13.09 8.06 -17.30
N SER B 14 14.37 7.96 -17.73
CA SER B 14 14.82 6.86 -18.56
C SER B 14 14.82 5.55 -17.76
N LEU B 15 14.71 4.44 -18.49
CA LEU B 15 14.63 3.12 -17.88
C LEU B 15 15.96 2.83 -17.18
N GLY B 16 15.89 2.40 -15.92
CA GLY B 16 17.07 2.06 -15.14
C GLY B 16 17.57 3.19 -14.23
N GLU B 17 17.15 4.44 -14.51
CA GLU B 17 17.56 5.60 -13.74
C GLU B 17 16.78 5.67 -12.43
N ARG B 18 17.28 6.49 -11.50
CA ARG B 18 16.64 6.72 -10.22
C ARG B 18 15.41 7.58 -10.40
N ALA B 19 14.45 7.48 -9.48
CA ALA B 19 13.23 8.27 -9.52
C ALA B 19 12.80 8.65 -8.10
N THR B 20 12.81 9.96 -7.80
CA THR B 20 12.51 10.47 -6.47
C THR B 20 11.19 11.25 -6.51
N ILE B 21 10.32 10.99 -5.53
CA ILE B 21 9.04 11.65 -5.37
C ILE B 21 8.95 12.18 -3.95
N ASN B 22 8.76 13.50 -3.81
N ASN B 22 8.73 13.50 -3.80
CA ASN B 22 8.68 14.18 -2.52
CA ASN B 22 8.68 14.14 -2.50
C ASN B 22 7.20 14.31 -2.12
C ASN B 22 7.23 14.40 -2.13
N CYS B 23 6.95 14.44 -0.82
CA CYS B 23 5.62 14.69 -0.27
C CYS B 23 5.78 15.49 1.02
N ARG B 24 5.34 16.76 1.00
CA ARG B 24 5.44 17.63 2.16
C ARG B 24 4.04 17.83 2.75
N ALA B 25 3.94 17.75 4.08
CA ALA B 25 2.68 17.86 4.81
C ALA B 25 2.59 19.24 5.48
N SER B 26 1.37 19.76 5.58
CA SER B 26 1.13 21.10 6.12
C SER B 26 1.47 21.18 7.61
N GLU B 27 1.33 20.05 8.32
CA GLU B 27 1.72 19.91 9.72
C GLU B 27 2.48 18.60 9.89
N SER B 28 3.05 18.40 11.08
CA SER B 28 3.79 17.19 11.41
C SER B 28 2.83 15.99 11.47
N VAL B 29 3.35 14.82 11.09
CA VAL B 29 2.60 13.57 11.09
C VAL B 29 3.29 12.57 12.01
N ASP B 30 4.04 13.08 13.00
CA ASP B 30 4.86 12.26 13.87
C ASP B 30 4.24 12.18 15.26
N TYR B 31 4.49 11.06 15.95
CA TYR B 31 4.17 10.92 17.35
C TYR B 31 5.07 9.84 17.97
N SER B 32 5.72 10.20 19.09
CA SER B 32 6.66 9.34 19.79
C SER B 32 7.86 9.00 18.90
N GLY B 33 8.23 9.95 18.02
CA GLY B 33 9.34 9.77 17.09
C GLY B 33 9.06 8.76 15.98
N ASN B 34 7.77 8.51 15.67
CA ASN B 34 7.36 7.63 14.59
C ASN B 34 6.56 8.45 13.58
N SER B 35 6.99 8.41 12.30
CA SER B 35 6.33 9.16 11.24
C SER B 35 5.26 8.29 10.58
N PHE B 36 4.05 8.85 10.45
CA PHE B 36 2.89 8.11 9.97
C PHE B 36 2.57 8.54 8.54
N MET B 37 3.60 8.50 7.67
CA MET B 37 3.46 8.72 6.25
C MET B 37 3.70 7.40 5.53
N HIS B 38 2.81 7.07 4.58
CA HIS B 38 2.81 5.78 3.90
C HIS B 38 2.67 6.02 2.39
N TRP B 39 3.27 5.13 1.58
CA TRP B 39 3.35 5.31 0.13
C TRP B 39 2.58 4.20 -0.58
N PHE B 40 1.87 4.59 -1.66
CA PHE B 40 1.04 3.69 -2.44
C PHE B 40 1.44 3.75 -3.92
N GLN B 41 1.18 2.65 -4.63
CA GLN B 41 1.31 2.57 -6.09
C GLN B 41 -0.05 2.18 -6.65
N GLN B 42 -0.52 2.89 -7.67
CA GLN B 42 -1.77 2.52 -8.33
C GLN B 42 -1.57 2.54 -9.85
N LYS B 43 -1.91 1.39 -10.48
CA LYS B 43 -1.89 1.24 -11.93
C LYS B 43 -3.34 1.23 -12.42
N PRO B 44 -3.60 1.59 -13.71
CA PRO B 44 -4.96 1.62 -14.24
C PRO B 44 -5.75 0.34 -13.97
N GLY B 45 -7.02 0.51 -13.53
CA GLY B 45 -7.93 -0.61 -13.32
C GLY B 45 -7.82 -1.25 -11.93
N GLN B 46 -6.73 -0.96 -11.20
CA GLN B 46 -6.40 -1.69 -9.98
C GLN B 46 -6.52 -0.75 -8.77
N PRO B 47 -6.69 -1.30 -7.54
CA PRO B 47 -6.62 -0.50 -6.32
C PRO B 47 -5.18 -0.15 -5.94
N PRO B 48 -4.97 0.78 -4.99
CA PRO B 48 -3.63 1.11 -4.50
C PRO B 48 -2.93 -0.06 -3.81
N LYS B 49 -1.63 -0.23 -4.12
CA LYS B 49 -0.77 -1.23 -3.51
C LYS B 49 0.17 -0.52 -2.55
N LEU B 50 0.21 -1.00 -1.29
CA LEU B 50 1.09 -0.44 -0.27
C LEU B 50 2.53 -0.84 -0.56
N LEU B 51 3.39 0.17 -0.75
CA LEU B 51 4.82 -0.03 -0.93
C LEU B 51 5.52 0.09 0.42
N ILE B 52 5.31 1.24 1.08
CA ILE B 52 6.09 1.63 2.25
C ILE B 52 5.16 2.16 3.33
N TYR B 53 5.26 1.56 4.53
CA TYR B 53 4.51 2.00 5.71
C TYR B 53 5.49 2.65 6.68
N ARG B 54 4.91 3.38 7.64
CA ARG B 54 5.58 4.37 8.49
C ARG B 54 6.93 4.81 7.91
N ALA B 55 6.86 5.60 6.82
CA ALA B 55 7.95 6.43 6.34
C ALA B 55 9.02 5.63 5.60
N SER B 56 9.62 4.62 6.26
CA SER B 56 10.80 3.94 5.76
C SER B 56 10.63 2.42 5.66
N ASN B 57 9.58 1.85 6.27
CA ASN B 57 9.47 0.39 6.40
C ASN B 57 8.93 -0.22 5.11
N LEU B 58 9.68 -1.19 4.55
CA LEU B 58 9.33 -1.84 3.29
C LEU B 58 8.35 -2.99 3.54
N GLU B 59 7.29 -3.05 2.74
CA GLU B 59 6.24 -4.06 2.84
C GLU B 59 6.76 -5.38 2.28
N SER B 60 6.16 -6.50 2.73
CA SER B 60 6.46 -7.83 2.22
C SER B 60 6.13 -7.93 0.73
N GLY B 61 7.06 -8.52 -0.03
CA GLY B 61 6.84 -8.84 -1.43
C GLY B 61 7.02 -7.64 -2.37
N ILE B 62 7.60 -6.55 -1.87
CA ILE B 62 7.85 -5.35 -2.66
C ILE B 62 9.35 -5.29 -2.94
N PRO B 63 9.78 -5.09 -4.22
CA PRO B 63 11.21 -4.98 -4.55
C PRO B 63 11.98 -3.99 -3.69
N ASP B 64 13.26 -4.28 -3.41
CA ASP B 64 14.03 -3.49 -2.47
C ASP B 64 14.56 -2.21 -3.13
N ARG B 65 14.35 -2.06 -4.46
CA ARG B 65 14.63 -0.80 -5.14
C ARG B 65 13.71 0.31 -4.61
N PHE B 66 12.50 -0.05 -4.17
CA PHE B 66 11.61 0.88 -3.48
C PHE B 66 12.15 1.15 -2.07
N SER B 67 12.33 2.44 -1.74
CA SER B 67 12.81 2.87 -0.44
C SER B 67 12.17 4.19 -0.05
N GLY B 68 12.13 4.44 1.27
CA GLY B 68 11.41 5.56 1.85
C GLY B 68 12.21 6.22 2.97
N SER B 69 12.03 7.54 3.10
CA SER B 69 12.83 8.34 4.04
C SER B 69 12.06 9.60 4.43
N GLY B 70 12.51 10.22 5.54
CA GLY B 70 12.00 11.50 5.99
C GLY B 70 11.34 11.44 7.36
N SER B 71 10.97 12.62 7.86
CA SER B 71 10.28 12.77 9.14
C SER B 71 9.60 14.14 9.20
N ARG B 72 8.84 14.37 10.28
CA ARG B 72 8.16 15.63 10.55
C ARG B 72 7.17 15.93 9.42
N THR B 73 7.57 16.80 8.48
CA THR B 73 6.66 17.30 7.45
C THR B 73 7.19 17.03 6.05
N ASP B 74 8.34 16.36 5.90
CA ASP B 74 8.99 16.23 4.61
C ASP B 74 9.45 14.78 4.42
N PHE B 75 8.97 14.15 3.32
CA PHE B 75 9.11 12.73 3.07
C PHE B 75 9.46 12.51 1.61
N THR B 76 10.09 11.36 1.31
CA THR B 76 10.60 11.05 -0.02
C THR B 76 10.47 9.55 -0.29
N LEU B 77 9.83 9.21 -1.41
CA LEU B 77 9.89 7.88 -2.00
C LEU B 77 10.97 7.86 -3.07
N THR B 78 11.81 6.83 -3.05
CA THR B 78 12.89 6.68 -4.02
C THR B 78 12.82 5.28 -4.62
N ILE B 79 12.81 5.23 -5.97
CA ILE B 79 12.99 4.00 -6.73
C ILE B 79 14.40 4.05 -7.30
N SER B 80 15.27 3.17 -6.78
CA SER B 80 16.71 3.25 -7.03
C SER B 80 17.02 3.05 -8.51
N SER B 81 16.28 2.14 -9.17
CA SER B 81 16.44 1.86 -10.59
C SER B 81 15.08 1.52 -11.20
N LEU B 82 14.56 2.42 -12.04
CA LEU B 82 13.19 2.35 -12.50
C LEU B 82 13.05 1.25 -13.56
N GLN B 83 12.07 0.36 -13.34
CA GLN B 83 11.77 -0.73 -14.27
C GLN B 83 10.53 -0.38 -15.07
N ALA B 84 10.28 -1.16 -16.14
CA ALA B 84 9.19 -0.92 -17.06
C ALA B 84 7.84 -1.03 -16.36
N GLU B 85 7.71 -1.95 -15.40
CA GLU B 85 6.45 -2.22 -14.72
C GLU B 85 6.12 -1.13 -13.68
N ASP B 86 7.13 -0.36 -13.25
CA ASP B 86 6.98 0.65 -12.21
C ASP B 86 6.22 1.90 -12.67
N VAL B 87 5.92 2.01 -13.97
N VAL B 87 5.93 2.00 -13.97
CA VAL B 87 5.05 3.06 -14.48
CA VAL B 87 5.04 3.03 -14.50
C VAL B 87 3.69 2.94 -13.79
C VAL B 87 3.69 2.94 -13.79
N ALA B 88 3.35 3.98 -13.01
CA ALA B 88 2.13 4.02 -12.21
C ALA B 88 1.91 5.44 -11.71
N VAL B 89 0.83 5.63 -10.93
CA VAL B 89 0.67 6.81 -10.11
C VAL B 89 1.02 6.42 -8.66
N TYR B 90 1.70 7.35 -7.96
CA TYR B 90 2.19 7.11 -6.61
C TYR B 90 1.59 8.14 -5.67
N TYR B 91 1.09 7.66 -4.52
CA TYR B 91 0.37 8.48 -3.56
C TYR B 91 1.02 8.36 -2.19
N CYS B 92 1.15 9.50 -1.47
CA CYS B 92 1.48 9.50 -0.06
C CYS B 92 0.20 9.60 0.76
N HIS B 93 0.27 9.15 2.04
CA HIS B 93 -0.89 8.95 2.88
C HIS B 93 -0.51 9.14 4.35
N GLN B 94 -1.14 10.12 5.02
CA GLN B 94 -0.91 10.35 6.44
C GLN B 94 -2.05 9.70 7.22
N SER B 95 -1.73 9.19 8.43
CA SER B 95 -2.70 8.51 9.27
C SER B 95 -2.55 8.92 10.74
N ASN B 96 -1.96 10.09 10.99
CA ASN B 96 -1.64 10.55 12.33
C ASN B 96 -2.81 11.33 12.92
N GLU B 97 -3.52 12.09 12.08
CA GLU B 97 -4.58 12.97 12.52
C GLU B 97 -5.86 12.64 11.72
N ASP B 98 -7.02 12.74 12.39
CA ASP B 98 -8.31 12.58 11.75
C ASP B 98 -8.66 13.88 11.03
N PRO B 99 -9.09 13.88 9.74
CA PRO B 99 -9.22 12.67 8.93
C PRO B 99 -7.90 12.28 8.28
N PRO B 100 -7.67 10.97 7.99
CA PRO B 100 -6.60 10.56 7.09
C PRO B 100 -6.74 11.28 5.75
N THR B 101 -5.61 11.73 5.19
CA THR B 101 -5.57 12.44 3.92
C THR B 101 -4.53 11.81 3.00
N PHE B 102 -4.73 12.01 1.69
CA PHE B 102 -3.86 11.46 0.66
C PHE B 102 -3.25 12.62 -0.14
N GLY B 103 -2.09 12.35 -0.74
CA GLY B 103 -1.45 13.30 -1.64
C GLY B 103 -2.16 13.36 -2.99
N GLY B 104 -1.80 14.37 -3.79
CA GLY B 104 -2.44 14.63 -5.07
C GLY B 104 -2.19 13.54 -6.10
N GLY B 105 -1.03 12.86 -6.00
CA GLY B 105 -0.61 11.82 -6.92
C GLY B 105 0.57 12.30 -7.76
N THR B 106 1.48 11.37 -8.09
CA THR B 106 2.60 11.62 -8.99
C THR B 106 2.64 10.52 -10.04
N LYS B 107 2.47 10.92 -11.32
CA LYS B 107 2.52 9.99 -12.45
C LYS B 107 3.97 9.77 -12.84
N VAL B 108 4.40 8.51 -12.93
CA VAL B 108 5.75 8.17 -13.35
C VAL B 108 5.68 7.55 -14.74
N GLU B 109 6.49 8.06 -15.67
CA GLU B 109 6.54 7.57 -17.04
C GLU B 109 7.98 7.26 -17.43
N ILE B 110 8.15 6.22 -18.27
CA ILE B 110 9.44 5.82 -18.78
C ILE B 110 9.73 6.58 -20.06
N LYS B 111 10.98 7.04 -20.20
CA LYS B 111 11.52 7.52 -21.46
C LYS B 111 12.30 6.37 -22.12
N ARG B 112 12.06 6.16 -23.42
CA ARG B 112 12.70 5.10 -24.16
C ARG B 112 12.94 5.55 -25.60
N THR B 113 13.59 4.68 -26.39
CA THR B 113 13.84 4.94 -27.80
C THR B 113 12.53 4.99 -28.58
N VAL B 114 12.57 5.69 -29.71
CA VAL B 114 11.41 5.89 -30.57
C VAL B 114 10.98 4.53 -31.14
N ALA B 115 9.68 4.37 -31.37
CA ALA B 115 9.15 3.19 -32.03
C ALA B 115 7.98 3.61 -32.91
N ALA B 116 8.02 3.22 -34.20
CA ALA B 116 6.95 3.52 -35.13
C ALA B 116 5.75 2.62 -34.83
N PRO B 117 4.49 3.11 -35.03
CA PRO B 117 3.30 2.29 -34.82
C PRO B 117 3.05 1.30 -35.95
N SER B 118 2.36 0.20 -35.64
CA SER B 118 1.74 -0.67 -36.63
C SER B 118 0.31 -0.18 -36.84
N VAL B 119 0.02 0.29 -38.07
CA VAL B 119 -1.32 0.78 -38.38
C VAL B 119 -2.14 -0.39 -38.93
N PHE B 120 -3.36 -0.54 -38.41
CA PHE B 120 -4.35 -1.48 -38.94
C PHE B 120 -5.69 -0.76 -39.08
N ILE B 121 -6.38 -0.98 -40.20
CA ILE B 121 -7.71 -0.44 -40.41
C ILE B 121 -8.71 -1.60 -40.45
N PHE B 122 -9.88 -1.38 -39.87
CA PHE B 122 -10.94 -2.37 -39.78
C PHE B 122 -12.23 -1.80 -40.36
N PRO B 123 -12.79 -2.38 -41.46
CA PRO B 123 -14.09 -1.93 -41.96
C PRO B 123 -15.22 -2.39 -41.05
N PRO B 124 -16.44 -1.79 -41.14
CA PRO B 124 -17.55 -2.14 -40.26
C PRO B 124 -18.16 -3.49 -40.62
N SER B 125 -18.76 -4.14 -39.61
CA SER B 125 -19.40 -5.44 -39.78
C SER B 125 -20.72 -5.30 -40.53
N ASP B 126 -21.15 -6.39 -41.18
CA ASP B 126 -22.42 -6.43 -41.87
C ASP B 126 -23.57 -6.23 -40.88
N GLU B 127 -23.41 -6.80 -39.66
CA GLU B 127 -24.36 -6.67 -38.57
C GLU B 127 -24.71 -5.21 -38.30
N GLN B 128 -23.68 -4.38 -38.13
CA GLN B 128 -23.83 -3.00 -37.72
C GLN B 128 -24.52 -2.20 -38.81
N LEU B 129 -24.12 -2.45 -40.07
CA LEU B 129 -24.73 -1.83 -41.23
C LEU B 129 -26.22 -2.17 -41.31
N LYS B 130 -26.59 -3.39 -40.89
CA LYS B 130 -27.98 -3.82 -40.82
C LYS B 130 -28.77 -2.94 -39.85
N SER B 131 -28.15 -2.60 -38.71
CA SER B 131 -28.77 -1.73 -37.71
C SER B 131 -28.69 -0.25 -38.12
N GLY B 132 -27.87 0.06 -39.15
CA GLY B 132 -27.94 1.32 -39.87
C GLY B 132 -26.84 2.32 -39.50
N THR B 133 -25.69 1.81 -39.01
CA THR B 133 -24.55 2.64 -38.65
C THR B 133 -23.28 1.93 -39.11
N ALA B 134 -22.22 2.73 -39.36
CA ALA B 134 -20.92 2.21 -39.76
C ALA B 134 -19.85 2.76 -38.81
N SER B 135 -19.10 1.87 -38.16
CA SER B 135 -17.95 2.25 -37.36
C SER B 135 -16.67 1.68 -37.98
N VAL B 136 -15.84 2.58 -38.54
CA VAL B 136 -14.55 2.24 -39.12
C VAL B 136 -13.48 2.54 -38.06
N VAL B 137 -12.61 1.56 -37.81
CA VAL B 137 -11.65 1.64 -36.72
C VAL B 137 -10.23 1.60 -37.30
N CYS B 138 -9.34 2.41 -36.71
CA CYS B 138 -7.95 2.47 -37.10
C CYS B 138 -7.08 2.30 -35.85
N LEU B 139 -6.23 1.27 -35.84
CA LEU B 139 -5.42 0.91 -34.68
C LEU B 139 -3.96 1.28 -34.95
N LEU B 140 -3.40 2.10 -34.07
CA LEU B 140 -1.96 2.36 -34.01
C LEU B 140 -1.40 1.58 -32.83
N ASN B 141 -0.54 0.59 -33.11
CA ASN B 141 -0.15 -0.40 -32.11
C ASN B 141 1.34 -0.26 -31.78
N ASN B 142 1.63 -0.01 -30.49
CA ASN B 142 2.96 -0.14 -29.88
C ASN B 142 3.92 0.89 -30.48
N PHE B 143 3.86 2.12 -29.92
CA PHE B 143 4.71 3.20 -30.37
C PHE B 143 5.15 4.07 -29.19
N TYR B 144 6.24 4.81 -29.40
CA TYR B 144 6.71 5.83 -28.47
C TYR B 144 7.43 6.91 -29.30
N PRO B 145 7.28 8.23 -29.03
CA PRO B 145 6.47 8.77 -27.93
C PRO B 145 4.97 8.78 -28.18
N ARG B 146 4.22 9.33 -27.20
CA ARG B 146 2.76 9.25 -27.18
C ARG B 146 2.13 10.06 -28.31
N GLU B 147 2.75 11.17 -28.73
CA GLU B 147 2.12 12.13 -29.64
C GLU B 147 2.03 11.54 -31.04
N ALA B 148 0.81 11.50 -31.61
CA ALA B 148 0.58 10.97 -32.95
C ALA B 148 -0.71 11.53 -33.54
N LYS B 149 -0.65 12.05 -34.77
CA LYS B 149 -1.82 12.51 -35.51
C LYS B 149 -2.47 11.32 -36.20
N VAL B 150 -3.80 11.41 -36.38
CA VAL B 150 -4.56 10.46 -37.17
C VAL B 150 -5.63 11.23 -37.95
N GLN B 151 -5.47 11.27 -39.29
CA GLN B 151 -6.43 11.94 -40.17
C GLN B 151 -7.27 10.87 -40.88
N TRP B 152 -8.59 11.11 -40.95
CA TRP B 152 -9.53 10.26 -41.65
C TRP B 152 -9.87 10.89 -43.01
N LYS B 153 -9.56 10.17 -44.09
CA LYS B 153 -9.83 10.61 -45.46
C LYS B 153 -10.82 9.65 -46.12
N VAL B 154 -11.83 10.19 -46.82
CA VAL B 154 -12.85 9.40 -47.49
C VAL B 154 -12.98 9.90 -48.93
N ASP B 155 -12.44 9.09 -49.87
CA ASP B 155 -12.22 9.49 -51.26
C ASP B 155 -11.30 10.71 -51.32
N ASN B 156 -10.19 10.65 -50.57
CA ASN B 156 -9.21 11.72 -50.44
C ASN B 156 -9.89 13.02 -49.99
N ALA B 157 -10.87 12.91 -49.10
CA ALA B 157 -11.61 14.06 -48.57
C ALA B 157 -11.47 14.06 -47.05
N LEU B 158 -10.80 15.09 -46.52
CA LEU B 158 -10.48 15.19 -45.10
C LEU B 158 -11.77 15.30 -44.30
N GLN B 159 -12.02 14.32 -43.42
CA GLN B 159 -13.19 14.31 -42.56
C GLN B 159 -12.95 15.25 -41.37
N SER B 160 -14.06 15.74 -40.81
CA SER B 160 -14.03 16.75 -39.76
C SER B 160 -15.00 16.36 -38.64
N GLY B 161 -14.44 15.85 -37.54
CA GLY B 161 -15.08 15.86 -36.23
C GLY B 161 -16.26 14.91 -36.07
N ASN B 162 -16.25 13.78 -36.80
CA ASN B 162 -17.19 12.70 -36.59
C ASN B 162 -16.39 11.44 -36.21
N SER B 163 -15.44 11.61 -35.29
CA SER B 163 -14.58 10.53 -34.82
C SER B 163 -14.01 10.86 -33.45
N GLN B 164 -13.65 9.80 -32.70
CA GLN B 164 -13.11 9.91 -31.35
C GLN B 164 -11.87 9.01 -31.25
N GLU B 165 -10.96 9.37 -30.33
CA GLU B 165 -9.72 8.64 -30.13
C GLU B 165 -9.62 8.18 -28.68
N SER B 166 -8.72 7.23 -28.44
CA SER B 166 -8.53 6.62 -27.14
C SER B 166 -7.12 6.03 -27.07
N VAL B 167 -6.44 6.19 -25.93
CA VAL B 167 -5.03 5.81 -25.80
C VAL B 167 -4.87 4.95 -24.56
N THR B 168 -4.15 3.83 -24.68
CA THR B 168 -3.79 2.99 -23.56
C THR B 168 -2.72 3.69 -22.74
N GLU B 169 -2.61 3.31 -21.46
CA GLU B 169 -1.51 3.78 -20.62
C GLU B 169 -0.24 3.04 -21.06
N GLN B 170 0.91 3.51 -20.56
CA GLN B 170 2.19 3.00 -20.99
C GLN B 170 2.30 1.53 -20.60
N ASP B 171 2.79 0.70 -21.52
CA ASP B 171 2.82 -0.75 -21.34
C ASP B 171 3.84 -1.10 -20.26
N SER B 172 3.54 -2.16 -19.50
CA SER B 172 4.35 -2.55 -18.35
C SER B 172 5.60 -3.33 -18.78
N LYS B 173 5.71 -3.69 -20.07
CA LYS B 173 6.82 -4.48 -20.58
C LYS B 173 7.67 -3.64 -21.54
N ASP B 174 7.09 -3.25 -22.68
CA ASP B 174 7.84 -2.55 -23.72
C ASP B 174 7.80 -1.03 -23.54
N SER B 175 6.94 -0.53 -22.65
CA SER B 175 6.82 0.89 -22.32
C SER B 175 6.41 1.71 -23.55
N THR B 176 5.48 1.16 -24.35
CA THR B 176 4.91 1.81 -25.51
C THR B 176 3.44 2.12 -25.27
N TYR B 177 2.87 2.95 -26.16
CA TYR B 177 1.48 3.31 -26.16
C TYR B 177 0.78 2.62 -27.34
N SER B 178 -0.55 2.51 -27.25
CA SER B 178 -1.40 2.13 -28.38
C SER B 178 -2.59 3.10 -28.45
N LEU B 179 -3.11 3.31 -29.67
CA LEU B 179 -4.18 4.27 -29.90
C LEU B 179 -5.20 3.65 -30.86
N SER B 180 -6.50 3.94 -30.63
CA SER B 180 -7.56 3.55 -31.54
C SER B 180 -8.41 4.77 -31.88
N SER B 181 -8.76 4.92 -33.16
CA SER B 181 -9.57 6.03 -33.66
C SER B 181 -10.77 5.45 -34.40
N THR B 182 -11.98 5.95 -34.07
CA THR B 182 -13.22 5.36 -34.57
C THR B 182 -14.01 6.42 -35.34
N LEU B 183 -14.12 6.22 -36.66
CA LEU B 183 -14.94 7.06 -37.52
C LEU B 183 -16.36 6.49 -37.54
N THR B 184 -17.33 7.26 -37.05
CA THR B 184 -18.73 6.83 -36.99
C THR B 184 -19.53 7.58 -38.04
N LEU B 185 -20.13 6.83 -38.98
CA LEU B 185 -21.05 7.34 -39.99
C LEU B 185 -22.36 6.55 -39.96
N SER B 186 -23.38 7.09 -40.63
CA SER B 186 -24.61 6.36 -40.92
C SER B 186 -24.36 5.40 -42.09
N LYS B 187 -25.26 4.41 -42.24
CA LYS B 187 -25.21 3.46 -43.34
C LYS B 187 -25.39 4.19 -44.67
N ALA B 188 -26.36 5.13 -44.70
CA ALA B 188 -26.63 5.96 -45.87
C ALA B 188 -25.35 6.64 -46.37
N ASP B 189 -24.67 7.37 -45.47
CA ASP B 189 -23.47 8.12 -45.80
C ASP B 189 -22.30 7.19 -46.09
N TYR B 190 -22.22 6.06 -45.37
CA TYR B 190 -21.15 5.09 -45.57
C TYR B 190 -21.15 4.59 -47.02
N GLU B 191 -22.35 4.30 -47.54
CA GLU B 191 -22.48 3.59 -48.80
C GLU B 191 -22.38 4.53 -50.01
N LYS B 192 -22.32 5.86 -49.77
CA LYS B 192 -22.10 6.83 -50.83
C LYS B 192 -20.65 6.80 -51.32
N HIS B 193 -19.70 6.64 -50.39
CA HIS B 193 -18.28 6.81 -50.67
C HIS B 193 -17.61 5.44 -50.82
N LYS B 194 -16.49 5.41 -51.58
CA LYS B 194 -15.84 4.16 -51.97
C LYS B 194 -14.63 3.88 -51.09
N VAL B 195 -13.67 4.81 -51.07
CA VAL B 195 -12.38 4.60 -50.42
C VAL B 195 -12.41 5.20 -49.02
N TYR B 196 -11.98 4.40 -48.03
CA TYR B 196 -11.91 4.79 -46.63
C TYR B 196 -10.47 4.60 -46.15
N ALA B 197 -9.86 5.66 -45.62
CA ALA B 197 -8.42 5.73 -45.42
C ALA B 197 -8.08 6.37 -44.08
N CYS B 198 -6.90 6.02 -43.56
CA CYS B 198 -6.44 6.41 -42.24
C CYS B 198 -4.97 6.83 -42.29
N GLU B 199 -4.74 8.15 -42.41
CA GLU B 199 -3.40 8.72 -42.53
C GLU B 199 -2.82 8.96 -41.13
N VAL B 200 -1.71 8.28 -40.81
CA VAL B 200 -1.05 8.38 -39.52
C VAL B 200 0.21 9.22 -39.67
N THR B 201 0.59 9.94 -38.60
CA THR B 201 1.86 10.65 -38.53
C THR B 201 2.52 10.38 -37.17
N HIS B 202 3.86 10.22 -37.19
CA HIS B 202 4.63 9.89 -35.99
C HIS B 202 6.11 10.17 -36.26
N GLN B 203 6.90 10.29 -35.17
CA GLN B 203 8.35 10.45 -35.27
C GLN B 203 8.98 9.23 -35.95
N GLY B 204 8.60 8.04 -35.48
CA GLY B 204 9.11 6.77 -36.00
C GLY B 204 8.85 6.57 -37.49
N LEU B 205 7.80 7.21 -38.02
CA LEU B 205 7.53 7.23 -39.45
C LEU B 205 8.30 8.38 -40.10
N SER B 206 9.07 8.06 -41.15
CA SER B 206 9.82 9.08 -41.89
C SER B 206 8.87 9.97 -42.69
N SER B 207 7.73 9.40 -43.11
CA SER B 207 6.64 10.18 -43.69
C SER B 207 5.31 9.46 -43.46
N PRO B 208 4.15 10.17 -43.51
CA PRO B 208 2.85 9.58 -43.15
C PRO B 208 2.46 8.29 -43.87
N VAL B 209 2.22 7.23 -43.09
CA VAL B 209 1.69 5.97 -43.59
C VAL B 209 0.16 6.06 -43.67
N THR B 210 -0.42 5.43 -44.69
CA THR B 210 -1.86 5.40 -44.90
C THR B 210 -2.29 3.95 -45.10
N LYS B 211 -3.32 3.53 -44.35
CA LYS B 211 -4.02 2.27 -44.55
C LYS B 211 -5.43 2.57 -45.02
N SER B 212 -5.90 1.86 -46.04
CA SER B 212 -7.21 2.11 -46.62
C SER B 212 -7.84 0.81 -47.11
N PHE B 213 -9.13 0.89 -47.46
CA PHE B 213 -9.88 -0.21 -48.05
C PHE B 213 -10.94 0.35 -49.00
N ASN B 214 -11.33 -0.46 -49.99
CA ASN B 214 -12.47 -0.18 -50.85
C ASN B 214 -13.70 -0.89 -50.28
N ARG B 215 -14.88 -0.27 -50.45
CA ARG B 215 -16.05 -0.58 -49.66
C ARG B 215 -16.56 -2.00 -49.96
N GLY B 216 -16.84 -2.28 -51.25
CA GLY B 216 -17.38 -3.57 -51.67
C GLY B 216 -16.29 -4.54 -52.12
N GLU B 217 -15.20 -4.64 -51.33
CA GLU B 217 -14.04 -5.44 -51.67
C GLU B 217 -13.40 -5.97 -50.39
N CYS B 218 -12.40 -6.85 -50.54
CA CYS B 218 -11.68 -7.43 -49.42
C CYS B 218 -10.19 -7.54 -49.76
N ASN C 28 5.82 -11.57 5.93
CA ASN C 28 5.24 -12.10 7.21
C ASN C 28 4.94 -10.93 8.15
N TYR C 29 3.70 -10.88 8.66
CA TYR C 29 3.27 -9.89 9.63
C TYR C 29 2.07 -10.44 10.39
N SER C 30 2.27 -10.76 11.68
CA SER C 30 1.20 -11.19 12.57
C SER C 30 0.53 -9.99 13.23
N LYS C 31 -0.68 -10.19 13.75
CA LYS C 31 -1.46 -9.14 14.40
C LYS C 31 -0.75 -8.71 15.69
N VAL C 32 -0.97 -7.45 16.08
CA VAL C 32 -0.38 -6.89 17.29
C VAL C 32 -1.15 -7.46 18.49
N LEU C 33 -0.44 -8.15 19.38
CA LEU C 33 -1.04 -8.79 20.55
C LEU C 33 -1.39 -7.72 21.59
N ALA C 34 -2.40 -8.03 22.42
CA ALA C 34 -2.93 -7.08 23.39
C ALA C 34 -1.92 -6.89 24.53
N GLU C 35 -1.63 -7.98 25.27
CA GLU C 35 -0.68 -7.97 26.38
C GLU C 35 0.67 -8.49 25.90
N VAL C 36 1.75 -7.75 26.19
CA VAL C 36 3.11 -8.16 25.89
C VAL C 36 4.01 -7.79 27.08
N ASN C 37 4.91 -8.71 27.45
CA ASN C 37 5.79 -8.56 28.60
C ASN C 37 7.22 -8.90 28.20
N THR C 38 8.18 -8.14 28.75
CA THR C 38 9.59 -8.26 28.38
C THR C 38 10.46 -7.98 29.60
N SER C 39 11.55 -8.75 29.74
CA SER C 39 12.58 -8.47 30.72
C SER C 39 13.49 -7.37 30.19
N TRP C 40 13.71 -6.32 31.00
CA TRP C 40 14.47 -5.16 30.58
C TRP C 40 15.67 -4.97 31.52
N PRO C 41 16.82 -5.64 31.26
CA PRO C 41 18.04 -5.40 32.04
C PRO C 41 18.67 -4.05 31.67
N VAL C 42 19.00 -3.24 32.69
CA VAL C 42 19.55 -1.90 32.50
C VAL C 42 20.63 -1.66 33.55
N LYS C 43 21.75 -1.05 33.13
CA LYS C 43 22.84 -0.74 34.03
C LYS C 43 22.47 0.43 34.93
N MET C 44 23.09 0.49 36.11
CA MET C 44 22.86 1.53 37.08
C MET C 44 23.51 2.82 36.59
N ALA C 45 22.93 3.97 37.00
CA ALA C 45 23.45 5.29 36.72
C ALA C 45 23.39 5.64 35.23
N THR C 46 22.43 5.04 34.51
CA THR C 46 22.23 5.29 33.08
C THR C 46 20.83 5.86 32.87
N ASN C 47 20.56 6.31 31.64
CA ASN C 47 19.26 6.85 31.28
C ASN C 47 18.44 5.78 30.56
N ALA C 48 17.57 5.08 31.30
CA ALA C 48 16.61 4.17 30.70
C ALA C 48 15.54 4.97 29.98
N VAL C 49 15.02 4.41 28.87
CA VAL C 49 13.87 4.93 28.17
C VAL C 49 13.01 3.76 27.73
N LEU C 50 11.76 3.71 28.22
CA LEU C 50 10.81 2.69 27.85
C LEU C 50 9.86 3.25 26.81
N CYS C 51 9.77 2.57 25.66
CA CYS C 51 8.91 2.97 24.56
C CYS C 51 7.54 2.32 24.72
N CYS C 52 6.48 3.07 24.39
CA CYS C 52 5.20 2.46 24.06
C CYS C 52 5.27 1.91 22.64
N PRO C 53 4.41 0.94 22.27
CA PRO C 53 4.26 0.54 20.86
C PRO C 53 3.99 1.73 19.94
N PRO C 54 4.27 1.63 18.62
CA PRO C 54 3.95 2.71 17.68
C PRO C 54 2.44 2.91 17.56
N ILE C 55 2.01 4.17 17.75
CA ILE C 55 0.60 4.54 17.73
C ILE C 55 0.45 5.93 17.12
N ALA C 56 -0.54 6.09 16.24
CA ALA C 56 -0.91 7.38 15.70
C ALA C 56 -1.78 8.11 16.72
N LEU C 57 -1.71 9.45 16.72
CA LEU C 57 -2.56 10.28 17.57
C LEU C 57 -4.03 10.01 17.28
N ARG C 58 -4.36 9.73 16.00
CA ARG C 58 -5.72 9.42 15.58
C ARG C 58 -6.28 8.22 16.36
N ASN C 59 -5.44 7.21 16.60
CA ASN C 59 -5.85 5.99 17.27
C ASN C 59 -5.81 6.13 18.79
N LEU C 60 -5.21 7.21 19.31
CA LEU C 60 -4.99 7.38 20.74
C LEU C 60 -6.20 8.03 21.40
N ILE C 61 -6.70 7.40 22.48
CA ILE C 61 -7.69 8.01 23.36
C ILE C 61 -6.99 8.40 24.66
N ILE C 62 -6.43 7.40 25.35
CA ILE C 62 -5.66 7.59 26.58
C ILE C 62 -4.37 6.77 26.48
N ILE C 63 -3.33 7.23 27.18
CA ILE C 63 -2.09 6.48 27.31
C ILE C 63 -1.57 6.64 28.74
N THR C 64 -1.27 5.51 29.40
CA THR C 64 -1.05 5.48 30.83
C THR C 64 0.15 4.58 31.15
N TRP C 65 1.22 5.19 31.71
CA TRP C 65 2.32 4.45 32.28
C TRP C 65 2.01 4.09 33.74
N GLU C 66 1.80 2.78 34.00
CA GLU C 66 1.68 2.27 35.36
C GLU C 66 3.05 1.72 35.80
N ILE C 67 3.55 2.19 36.95
CA ILE C 67 4.89 1.88 37.42
C ILE C 67 4.78 1.31 38.84
N ILE C 68 5.04 0.00 38.97
CA ILE C 68 4.89 -0.72 40.23
C ILE C 68 6.28 -1.18 40.69
N LEU C 69 6.88 -0.42 41.61
CA LEU C 69 8.13 -0.81 42.25
C LEU C 69 7.81 -1.65 43.49
N ARG C 70 8.80 -2.46 43.91
CA ARG C 70 8.62 -3.45 44.96
C ARG C 70 8.19 -2.78 46.26
N GLY C 71 7.02 -3.17 46.78
CA GLY C 71 6.53 -2.73 48.08
C GLY C 71 6.21 -1.23 48.11
N GLN C 72 5.64 -0.72 47.01
CA GLN C 72 5.31 0.70 46.86
C GLN C 72 3.87 0.83 46.35
N PRO C 73 3.22 1.99 46.54
CA PRO C 73 1.96 2.28 45.85
C PRO C 73 2.20 2.43 44.35
N SER C 74 1.19 2.05 43.56
CA SER C 74 1.28 2.08 42.11
C SER C 74 1.21 3.53 41.62
N CYS C 75 2.28 3.98 40.94
CA CYS C 75 2.33 5.28 40.30
C CYS C 75 1.75 5.13 38.89
N THR C 76 0.80 6.02 38.53
CA THR C 76 0.27 6.09 37.17
C THR C 76 0.43 7.51 36.61
N LYS C 77 0.73 7.59 35.30
CA LYS C 77 0.84 8.83 34.56
C LYS C 77 -0.05 8.75 33.32
N ALA C 78 -1.23 9.39 33.37
CA ALA C 78 -2.22 9.30 32.31
C ALA C 78 -2.13 10.53 31.40
N TYR C 79 -2.54 10.34 30.14
CA TYR C 79 -2.75 11.44 29.20
C TYR C 79 -4.02 11.19 28.40
N LYS C 80 -5.10 11.93 28.71
CA LYS C 80 -6.29 11.96 27.88
C LYS C 80 -6.09 13.01 26.79
N LYS C 81 -6.18 12.58 25.53
CA LYS C 81 -5.88 13.40 24.37
C LYS C 81 -7.08 14.32 24.08
N GLU C 82 -8.29 13.75 24.12
CA GLU C 82 -9.51 14.48 23.82
C GLU C 82 -9.66 15.68 24.75
N THR C 83 -9.39 15.50 26.05
CA THR C 83 -9.61 16.51 27.06
C THR C 83 -8.33 17.29 27.39
N ASN C 84 -7.19 16.95 26.76
CA ASN C 84 -5.94 17.68 26.88
C ASN C 84 -5.44 17.66 28.33
N GLU C 85 -5.56 16.51 29.00
CA GLU C 85 -5.31 16.39 30.42
C GLU C 85 -4.17 15.42 30.63
N THR C 86 -3.12 15.87 31.35
CA THR C 86 -2.07 15.01 31.88
C THR C 86 -2.26 14.90 33.39
N LYS C 87 -2.31 13.66 33.91
CA LYS C 87 -2.65 13.42 35.31
C LYS C 87 -1.72 12.37 35.91
N GLU C 88 -0.92 12.78 36.90
CA GLU C 88 -0.03 11.90 37.64
C GLU C 88 -0.64 11.60 39.01
N THR C 89 -0.52 10.33 39.44
CA THR C 89 -1.09 9.88 40.70
C THR C 89 -0.05 9.02 41.42
N ASN C 90 0.25 9.37 42.68
CA ASN C 90 1.06 8.55 43.58
C ASN C 90 2.49 8.38 43.06
N CYS C 91 3.01 9.42 42.37
CA CYS C 91 4.33 9.36 41.75
C CYS C 91 5.31 10.22 42.56
N THR C 92 6.16 9.55 43.35
CA THR C 92 7.01 10.20 44.33
C THR C 92 8.43 10.39 43.80
N ASP C 93 8.94 9.42 43.03
CA ASP C 93 10.25 9.53 42.41
C ASP C 93 10.14 10.46 41.22
N GLU C 94 10.94 11.53 41.22
CA GLU C 94 10.86 12.57 40.20
C GLU C 94 11.90 12.36 39.11
N ARG C 95 12.66 11.25 39.18
CA ARG C 95 13.53 10.82 38.11
C ARG C 95 12.72 10.10 37.02
N ILE C 96 11.70 9.35 37.44
CA ILE C 96 10.81 8.66 36.52
C ILE C 96 9.78 9.66 36.00
N THR C 97 9.90 10.03 34.70
CA THR C 97 9.05 11.04 34.08
C THR C 97 8.83 10.71 32.61
N TRP C 98 8.02 11.55 31.94
CA TRP C 98 7.95 11.59 30.48
C TRP C 98 9.31 12.02 29.93
N VAL C 99 9.62 11.60 28.70
CA VAL C 99 10.82 12.05 28.02
C VAL C 99 10.66 13.53 27.70
N SER C 100 9.46 13.93 27.24
CA SER C 100 9.10 15.33 27.08
C SER C 100 7.65 15.54 27.53
N ARG C 101 6.71 15.43 26.58
CA ARG C 101 5.30 15.71 26.83
C ARG C 101 4.46 14.64 26.12
N PRO C 102 3.43 14.06 26.78
CA PRO C 102 2.65 12.97 26.17
C PRO C 102 1.79 13.38 24.98
N ASP C 103 1.58 14.69 24.78
CA ASP C 103 0.92 15.22 23.60
C ASP C 103 1.83 15.10 22.37
N GLN C 104 3.16 15.07 22.58
CA GLN C 104 4.13 14.89 21.50
C GLN C 104 4.75 13.49 21.52
N ASN C 105 4.98 12.92 22.71
CA ASN C 105 5.87 11.77 22.87
C ASN C 105 5.47 10.97 24.10
N SER C 106 5.14 9.68 23.88
CA SER C 106 4.60 8.81 24.92
C SER C 106 5.68 7.91 25.54
N ASP C 107 6.96 8.29 25.45
CA ASP C 107 8.05 7.51 26.02
C ASP C 107 8.27 7.98 27.45
N LEU C 108 8.55 7.00 28.34
CA LEU C 108 8.95 7.25 29.71
C LEU C 108 10.47 7.11 29.82
N GLN C 109 11.09 7.89 30.73
CA GLN C 109 12.51 7.72 31.01
C GLN C 109 12.75 7.69 32.52
N ILE C 110 13.93 7.17 32.89
CA ILE C 110 14.41 7.16 34.26
C ILE C 110 15.75 7.91 34.27
N ARG C 111 15.81 9.00 35.05
CA ARG C 111 16.78 10.07 34.89
C ARG C 111 18.20 9.52 35.05
N THR C 112 18.50 8.91 36.21
CA THR C 112 19.63 8.01 36.34
C THR C 112 19.16 6.81 37.16
N VAL C 113 19.45 5.61 36.65
CA VAL C 113 18.88 4.38 37.20
C VAL C 113 19.53 4.11 38.56
N ALA C 114 18.71 3.54 39.47
CA ALA C 114 19.12 3.21 40.83
C ALA C 114 18.48 1.87 41.19
N ILE C 115 18.97 1.24 42.27
CA ILE C 115 18.58 -0.12 42.62
C ILE C 115 17.12 -0.14 43.08
N THR C 116 16.62 0.99 43.59
CA THR C 116 15.23 1.13 43.99
C THR C 116 14.25 1.01 42.81
N HIS C 117 14.73 1.21 41.57
CA HIS C 117 13.87 1.22 40.38
C HIS C 117 13.55 -0.19 39.84
N ASP C 118 14.01 -1.26 40.50
CA ASP C 118 13.55 -2.61 40.18
C ASP C 118 12.03 -2.68 40.32
N GLY C 119 11.35 -3.04 39.23
CA GLY C 119 9.90 -3.19 39.26
C GLY C 119 9.29 -3.38 37.87
N TYR C 120 7.96 -3.25 37.81
CA TYR C 120 7.18 -3.44 36.60
C TYR C 120 6.75 -2.08 36.07
N TYR C 121 6.93 -1.88 34.76
CA TYR C 121 6.58 -0.65 34.07
C TYR C 121 5.71 -1.01 32.87
N ARG C 122 4.48 -0.48 32.82
CA ARG C 122 3.50 -0.89 31.82
C ARG C 122 2.89 0.31 31.12
N CYS C 123 3.02 0.34 29.78
CA CYS C 123 2.29 1.25 28.92
C CYS C 123 0.94 0.65 28.56
N ILE C 124 -0.16 1.32 28.96
CA ILE C 124 -1.51 0.93 28.59
C ILE C 124 -2.05 1.98 27.61
N MET C 125 -2.66 1.51 26.52
CA MET C 125 -3.11 2.38 25.43
C MET C 125 -4.57 2.08 25.13
N VAL C 126 -5.46 3.04 25.43
CA VAL C 126 -6.86 2.94 25.07
C VAL C 126 -7.02 3.45 23.63
N THR C 127 -7.58 2.61 22.75
CA THR C 127 -7.85 2.96 21.36
C THR C 127 -9.30 2.64 21.04
N PRO C 128 -9.85 3.13 19.90
CA PRO C 128 -11.15 2.66 19.41
C PRO C 128 -11.23 1.16 19.13
N ASP C 129 -10.09 0.58 18.73
CA ASP C 129 -9.99 -0.85 18.43
C ASP C 129 -10.01 -1.67 19.71
N GLY C 130 -9.26 -1.23 20.74
CA GLY C 130 -9.28 -1.86 22.05
C GLY C 130 -8.23 -1.29 22.99
N ASN C 131 -7.77 -2.12 23.94
CA ASN C 131 -6.70 -1.77 24.86
C ASN C 131 -5.48 -2.66 24.58
N PHE C 132 -4.29 -2.04 24.66
CA PHE C 132 -3.03 -2.69 24.33
C PHE C 132 -2.00 -2.37 25.41
N HIS C 133 -1.27 -3.40 25.87
CA HIS C 133 -0.32 -3.30 26.97
C HIS C 133 1.05 -3.77 26.51
N ARG C 134 2.08 -2.95 26.70
CA ARG C 134 3.47 -3.37 26.60
C ARG C 134 4.13 -3.15 27.95
N GLY C 135 4.49 -4.25 28.63
CA GLY C 135 5.06 -4.22 29.97
C GLY C 135 6.57 -4.53 29.98
N TYR C 136 7.27 -3.94 30.95
CA TYR C 136 8.71 -4.12 31.11
C TYR C 136 9.01 -4.55 32.54
N HIS C 137 9.51 -5.79 32.70
CA HIS C 137 10.09 -6.24 33.96
C HIS C 137 11.53 -5.72 34.05
N LEU C 138 11.68 -4.54 34.65
CA LEU C 138 12.96 -3.85 34.69
C LEU C 138 13.85 -4.49 35.75
N GLN C 139 15.09 -4.83 35.34
CA GLN C 139 16.12 -5.34 36.24
C GLN C 139 17.31 -4.40 36.22
N VAL C 140 17.71 -3.91 37.40
CA VAL C 140 18.81 -2.97 37.53
C VAL C 140 20.10 -3.78 37.72
N LEU C 141 21.05 -3.62 36.79
CA LEU C 141 22.34 -4.31 36.84
C LEU C 141 23.37 -3.42 37.54
N VAL C 142 24.28 -4.06 38.29
CA VAL C 142 25.40 -3.39 38.94
C VAL C 142 26.67 -4.17 38.61
N THR C 143 27.63 -3.50 37.96
CA THR C 143 28.88 -4.13 37.54
C THR C 143 29.73 -4.44 38.77
N PRO C 144 30.12 -5.72 39.00
CA PRO C 144 30.92 -6.07 40.18
C PRO C 144 32.38 -5.66 40.03
N GLU C 145 33.03 -5.39 41.18
CA GLU C 145 34.46 -5.15 41.28
C GLU C 145 35.15 -6.51 41.36
N VAL C 146 35.83 -6.90 40.27
CA VAL C 146 36.42 -8.23 40.11
C VAL C 146 37.91 -8.14 40.38
N THR C 147 38.44 -9.06 41.20
CA THR C 147 39.86 -9.14 41.50
C THR C 147 40.32 -10.60 41.54
N LEU C 148 41.65 -10.80 41.50
CA LEU C 148 42.26 -12.11 41.54
C LEU C 148 43.67 -11.97 42.14
N PHE C 149 43.99 -12.77 43.16
CA PHE C 149 45.27 -12.67 43.84
C PHE C 149 45.70 -14.01 44.44
N GLN C 150 47.03 -14.24 44.47
CA GLN C 150 47.62 -15.38 45.14
C GLN C 150 47.54 -15.14 46.65
N ASN C 151 47.15 -16.19 47.40
CA ASN C 151 46.75 -16.05 48.79
C ASN C 151 47.78 -16.74 49.69
N ARG C 152 47.90 -18.07 49.56
CA ARG C 152 48.77 -18.90 50.38
C ARG C 152 49.62 -19.76 49.46
N ASN C 153 50.18 -20.86 50.00
CA ASN C 153 50.90 -21.84 49.20
C ASN C 153 49.92 -22.56 48.27
N ARG C 154 49.97 -22.17 46.98
CA ARG C 154 49.20 -22.78 45.89
C ARG C 154 47.71 -22.65 46.14
N THR C 155 47.27 -21.40 46.39
CA THR C 155 45.86 -21.04 46.44
C THR C 155 45.67 -19.67 45.79
N ALA C 156 44.46 -19.43 45.26
CA ALA C 156 44.08 -18.14 44.71
C ALA C 156 42.64 -17.83 45.11
N VAL C 157 42.32 -16.53 45.18
CA VAL C 157 40.99 -16.06 45.54
C VAL C 157 40.49 -15.13 44.44
N CYS C 158 39.30 -15.44 43.89
CA CYS C 158 38.64 -14.60 42.90
C CYS C 158 37.36 -14.03 43.48
N LYS C 159 37.27 -12.69 43.55
CA LYS C 159 36.13 -11.98 44.09
C LYS C 159 35.33 -11.34 42.97
N ALA C 160 34.01 -11.31 43.15
CA ALA C 160 33.11 -10.45 42.38
C ALA C 160 32.27 -9.66 43.38
N VAL C 161 32.72 -8.44 43.70
CA VAL C 161 32.26 -7.70 44.87
C VAL C 161 31.09 -6.80 44.50
N ALA C 162 29.96 -6.96 45.21
CA ALA C 162 28.85 -6.03 45.21
C ALA C 162 28.30 -5.80 43.81
N GLY C 163 28.19 -6.87 43.01
CA GLY C 163 27.48 -6.83 41.74
C GLY C 163 25.99 -7.09 41.95
N LYS C 164 25.21 -6.97 40.87
CA LYS C 164 23.79 -7.31 40.91
C LYS C 164 23.34 -7.74 39.51
N PRO C 165 22.77 -8.95 39.30
CA PRO C 165 22.63 -9.98 40.33
C PRO C 165 23.97 -10.67 40.63
N ALA C 166 23.92 -11.78 41.38
CA ALA C 166 25.10 -12.58 41.69
C ALA C 166 25.84 -12.99 40.41
N ALA C 167 27.17 -12.82 40.43
CA ALA C 167 28.04 -13.32 39.37
C ALA C 167 28.36 -14.79 39.60
N HIS C 168 28.78 -15.48 38.53
CA HIS C 168 29.17 -16.88 38.58
C HIS C 168 30.66 -16.99 38.26
N ILE C 169 31.40 -17.74 39.09
CA ILE C 169 32.85 -17.86 38.98
C ILE C 169 33.22 -19.30 38.72
N SER C 170 34.14 -19.51 37.76
CA SER C 170 34.72 -20.82 37.48
C SER C 170 36.21 -20.68 37.18
N TRP C 171 36.91 -21.83 37.19
CA TRP C 171 38.36 -21.88 37.11
C TRP C 171 38.81 -22.75 35.93
N ILE C 172 39.87 -22.31 35.24
CA ILE C 172 40.59 -23.12 34.26
C ILE C 172 42.07 -23.10 34.64
N PRO C 173 42.71 -24.24 35.01
CA PRO C 173 42.05 -25.54 35.17
C PRO C 173 41.26 -25.59 36.47
N GLU C 174 40.40 -26.61 36.60
CA GLU C 174 39.62 -26.81 37.82
C GLU C 174 40.55 -27.23 38.94
N GLY C 175 40.21 -26.82 40.17
CA GLY C 175 40.99 -27.14 41.36
C GLY C 175 40.11 -27.78 42.43
N ASP C 176 40.31 -27.39 43.69
CA ASP C 176 39.48 -27.83 44.79
C ASP C 176 39.00 -26.58 45.53
N CYS C 177 37.90 -26.00 45.03
CA CYS C 177 37.52 -24.62 45.35
C CYS C 177 36.34 -24.59 46.32
N ALA C 178 36.12 -23.41 46.90
CA ALA C 178 34.98 -23.12 47.77
C ALA C 178 34.46 -21.72 47.45
N THR C 179 33.16 -21.48 47.69
CA THR C 179 32.49 -20.26 47.24
C THR C 179 31.65 -19.65 48.37
N LYS C 180 31.86 -18.34 48.63
CA LYS C 180 31.01 -17.53 49.48
C LYS C 180 30.03 -16.73 48.63
N GLN C 181 28.76 -16.67 49.06
CA GLN C 181 27.80 -15.71 48.57
C GLN C 181 27.38 -14.82 49.73
N GLU C 182 27.47 -13.50 49.55
CA GLU C 182 27.18 -12.54 50.60
C GLU C 182 26.16 -11.54 50.06
N TYR C 183 24.94 -11.61 50.61
CA TYR C 183 23.77 -10.93 50.07
C TYR C 183 23.50 -9.66 50.88
N TRP C 184 23.89 -8.52 50.32
CA TRP C 184 23.78 -7.23 50.99
C TRP C 184 22.35 -6.73 50.95
N SER C 185 22.02 -5.82 51.88
CA SER C 185 20.67 -5.28 52.04
C SER C 185 20.32 -4.30 50.92
N ASN C 186 21.33 -3.65 50.32
CA ASN C 186 21.13 -2.74 49.19
C ASN C 186 20.85 -3.50 47.89
N GLY C 187 20.82 -4.84 47.91
CA GLY C 187 20.39 -5.65 46.78
C GLY C 187 21.54 -6.32 46.05
N THR C 188 22.78 -5.84 46.26
CA THR C 188 23.97 -6.37 45.62
C THR C 188 24.42 -7.65 46.32
N VAL C 189 25.34 -8.37 45.65
CA VAL C 189 25.87 -9.64 46.13
C VAL C 189 27.37 -9.68 45.88
N THR C 190 28.14 -10.10 46.91
CA THR C 190 29.54 -10.41 46.75
C THR C 190 29.72 -11.92 46.63
N VAL C 191 30.38 -12.35 45.54
CA VAL C 191 30.72 -13.75 45.32
C VAL C 191 32.24 -13.87 45.33
N LYS C 192 32.77 -14.53 46.37
CA LYS C 192 34.17 -14.86 46.52
C LYS C 192 34.35 -16.35 46.18
N SER C 193 35.51 -16.71 45.62
CA SER C 193 35.85 -18.10 45.37
C SER C 193 37.33 -18.35 45.65
N THR C 194 37.62 -18.99 46.80
CA THR C 194 38.95 -19.47 47.12
C THR C 194 39.14 -20.85 46.48
N CYS C 195 40.33 -21.12 45.95
CA CYS C 195 40.59 -22.35 45.22
C CYS C 195 42.06 -22.77 45.35
N HIS C 196 42.27 -24.07 45.63
CA HIS C 196 43.57 -24.66 45.89
C HIS C 196 43.91 -25.66 44.78
N TRP C 197 45.19 -25.74 44.42
CA TRP C 197 45.71 -26.76 43.50
C TRP C 197 46.90 -27.48 44.15
N GLU C 198 46.65 -28.71 44.63
CA GLU C 198 47.70 -29.56 45.20
C GLU C 198 48.57 -30.13 44.08
N VAL C 199 47.96 -30.36 42.90
CA VAL C 199 48.63 -31.03 41.78
C VAL C 199 49.58 -30.04 41.12
N HIS C 200 50.82 -30.48 40.86
CA HIS C 200 51.88 -29.66 40.30
C HIS C 200 51.87 -29.70 38.76
N ASN C 201 50.76 -30.18 38.17
CA ASN C 201 50.47 -30.04 36.76
C ASN C 201 49.93 -28.64 36.45
N VAL C 202 49.72 -27.80 37.47
CA VAL C 202 49.12 -26.48 37.32
C VAL C 202 50.13 -25.40 37.70
N SER C 203 50.16 -24.30 36.92
CA SER C 203 50.99 -23.13 37.20
C SER C 203 50.20 -21.85 36.95
N THR C 204 49.70 -21.69 35.71
CA THR C 204 48.86 -20.57 35.33
C THR C 204 47.39 -20.92 35.59
N VAL C 205 46.66 -20.04 36.28
CA VAL C 205 45.26 -20.26 36.62
C VAL C 205 44.42 -19.09 36.09
N THR C 206 43.23 -19.41 35.59
CA THR C 206 42.35 -18.44 34.94
C THR C 206 41.00 -18.42 35.65
N CYS C 207 40.65 -17.27 36.23
CA CYS C 207 39.33 -17.02 36.78
C CYS C 207 38.38 -16.62 35.64
N HIS C 208 37.14 -17.15 35.67
CA HIS C 208 36.13 -16.89 34.66
C HIS C 208 34.86 -16.37 35.32
N VAL C 209 34.74 -15.04 35.44
CA VAL C 209 33.61 -14.39 36.07
C VAL C 209 32.53 -14.13 35.01
N SER C 210 31.32 -14.67 35.27
CA SER C 210 30.21 -14.61 34.33
C SER C 210 29.13 -13.69 34.88
N HIS C 211 28.87 -12.57 34.20
CA HIS C 211 27.90 -11.58 34.66
C HIS C 211 27.26 -10.88 33.46
N LEU C 212 26.01 -10.41 33.67
CA LEU C 212 25.19 -9.80 32.63
C LEU C 212 25.76 -8.46 32.18
N THR C 213 26.40 -7.71 33.08
CA THR C 213 27.06 -6.46 32.73
C THR C 213 28.23 -6.72 31.78
N GLY C 214 28.88 -7.88 31.93
CA GLY C 214 29.92 -8.32 31.01
C GLY C 214 30.76 -9.43 31.64
N ASN C 215 31.04 -10.47 30.84
CA ASN C 215 31.94 -11.55 31.24
C ASN C 215 33.37 -11.00 31.33
N LYS C 216 34.17 -11.61 32.21
CA LYS C 216 35.52 -11.14 32.50
C LYS C 216 36.40 -12.35 32.80
N SER C 217 37.68 -12.26 32.39
CA SER C 217 38.66 -13.31 32.62
C SER C 217 39.94 -12.70 33.20
N LEU C 218 40.60 -13.46 34.07
CA LEU C 218 41.82 -13.01 34.72
C LEU C 218 42.79 -14.19 34.84
N TYR C 219 43.93 -14.10 34.15
CA TYR C 219 45.02 -15.05 34.27
C TYR C 219 45.95 -14.61 35.42
N ILE C 220 46.66 -15.57 36.01
CA ILE C 220 47.73 -15.27 36.96
C ILE C 220 48.64 -16.49 37.12
N GLU C 221 49.96 -16.27 37.12
CA GLU C 221 50.93 -17.31 37.45
C GLU C 221 50.89 -17.54 38.95
N LEU C 222 50.85 -18.82 39.36
CA LEU C 222 50.71 -19.21 40.76
C LEU C 222 52.09 -19.42 41.36
N LEU C 223 52.82 -18.32 41.57
CA LEU C 223 54.20 -18.35 42.01
C LEU C 223 54.26 -18.65 43.52
#